data_8I4Q
#
_entry.id   8I4Q
#
_cell.length_a   64.004
_cell.length_b   119.471
_cell.length_c   153.446
_cell.angle_alpha   90.00
_cell.angle_beta   90.00
_cell.angle_gamma   90.00
#
_symmetry.space_group_name_H-M   'P 21 21 21'
#
loop_
_entity.id
_entity.type
_entity.pdbx_description
1 polymer '6-phosphogluconate dehydrogenase, decarboxylating'
2 non-polymer 'NADP NICOTINAMIDE-ADENINE-DINUCLEOTIDE PHOSPHATE'
3 non-polymer 2-AMINO-2-HYDROXYMETHYL-PROPANE-1,3-DIOL
4 non-polymer 'MAGNESIUM ION'
5 water water
#
_entity_poly.entity_id   1
_entity_poly.type   'polypeptide(L)'
_entity_poly.pdbx_seq_one_letter_code
;MTNGDNLAQIGVVGLAVMGSNLARNFARNGNTVAVYNRSTDKTDKLIADHGSEGNFIPSATVEEFVASLEKPRRAIIMVQ
AGNATDAVINQLADAMDEGDIIIDGGNALYTDTIRREKEISARGLHFVGAGISGGEEGALNGPSIMPGGPAKSYESLGPL
LESIAANVDGTPCVTHIGPDGAGHFVKMVHNGIEYADMQVIGEAYHLLRYAAGMQPAEIAEVFKEWNAGDLDSYLIEITA
EVLSQVDAETGKPLIDVIVDAAGQKGTGRWTVKAALDLGIATTGIGEAVFARALSGATSQRAAAQGNLPAGVLTDLEALG
VDKAQFVEDVRRALYASKLVAYAQGFDEIKAGSDENNWDVDPRDLATIWRGGCIIRAKFLNRIVEAYDANAELESLLLDP
YFKSELGDLIDSWRRVIVTATQLGLPIPVFASSLSYYDSLRAERLPAALIQGQRDFFGAHTYKRIDKDGSFHTEWSGDRS
EVEALEHHHHHH
;
_entity_poly.pdbx_strand_id   A,B
#
loop_
_chem_comp.id
_chem_comp.type
_chem_comp.name
_chem_comp.formula
MG non-polymer 'MAGNESIUM ION' 'Mg 2'
NAP non-polymer 'NADP NICOTINAMIDE-ADENINE-DINUCLEOTIDE PHOSPHATE' 'C21 H28 N7 O17 P3'
TRS non-polymer 2-AMINO-2-HYDROXYMETHYL-PROPANE-1,3-DIOL 'C4 H12 N O3 1'
#
# COMPACT_ATOMS: atom_id res chain seq x y z
N ASN A 6 -13.56 -11.73 -47.92
CA ASN A 6 -13.02 -12.99 -47.33
C ASN A 6 -12.03 -12.70 -46.18
N LEU A 7 -11.81 -11.44 -45.79
CA LEU A 7 -10.85 -11.03 -44.71
C LEU A 7 -11.61 -10.61 -43.46
N ALA A 8 -11.05 -10.80 -42.27
CA ALA A 8 -11.67 -10.36 -40.99
C ALA A 8 -11.36 -8.88 -40.75
N GLN A 9 -12.27 -8.12 -40.10
CA GLN A 9 -12.02 -6.71 -39.69
C GLN A 9 -11.26 -6.66 -38.33
N ILE A 10 -11.38 -7.71 -37.54
CA ILE A 10 -10.76 -7.79 -36.20
C ILE A 10 -10.34 -9.23 -35.96
N GLY A 11 -9.28 -9.42 -35.21
CA GLY A 11 -8.88 -10.74 -34.73
C GLY A 11 -8.65 -10.82 -33.24
N VAL A 12 -8.88 -12.02 -32.70
CA VAL A 12 -8.60 -12.39 -31.30
C VAL A 12 -7.59 -13.54 -31.27
N VAL A 13 -6.53 -13.33 -30.53
CA VAL A 13 -5.52 -14.37 -30.18
C VAL A 13 -5.74 -14.74 -28.72
N GLY A 14 -6.02 -16.02 -28.46
CA GLY A 14 -6.19 -16.53 -27.10
C GLY A 14 -7.65 -16.85 -26.86
N LEU A 15 -8.01 -18.12 -26.87
CA LEU A 15 -9.43 -18.55 -26.93
C LEU A 15 -9.74 -19.37 -25.69
N ALA A 16 -9.12 -19.03 -24.54
CA ALA A 16 -9.66 -19.40 -23.22
C ALA A 16 -10.97 -18.61 -23.05
N VAL A 17 -11.64 -18.68 -21.89
CA VAL A 17 -13.05 -18.23 -21.88
C VAL A 17 -13.10 -16.73 -22.21
N MET A 18 -12.21 -15.91 -21.65
CA MET A 18 -12.25 -14.45 -21.88
C MET A 18 -12.12 -14.15 -23.39
N GLY A 19 -11.15 -14.71 -24.11
CA GLY A 19 -11.01 -14.38 -25.55
C GLY A 19 -12.10 -15.00 -26.40
N SER A 20 -12.48 -16.24 -26.11
CA SER A 20 -13.57 -16.92 -26.84
C SER A 20 -14.87 -16.07 -26.67
N ASN A 21 -15.17 -15.65 -25.45
CA ASN A 21 -16.31 -14.75 -25.18
C ASN A 21 -16.16 -13.47 -26.03
N LEU A 22 -15.00 -12.82 -25.98
CA LEU A 22 -14.78 -11.56 -26.74
C LEU A 22 -15.00 -11.80 -28.22
N ALA A 23 -14.51 -12.91 -28.77
CA ALA A 23 -14.65 -13.17 -30.22
C ALA A 23 -16.13 -13.36 -30.58
N ARG A 24 -16.84 -14.14 -29.75
CA ARG A 24 -18.29 -14.35 -29.88
C ARG A 24 -19.03 -13.02 -29.91
N ASN A 25 -18.61 -12.09 -29.03
CA ASN A 25 -19.23 -10.74 -28.92
C ASN A 25 -19.05 -10.05 -30.27
N PHE A 26 -17.82 -10.03 -30.80
CA PHE A 26 -17.53 -9.37 -32.09
C PHE A 26 -18.42 -9.99 -33.19
N ALA A 27 -18.51 -11.31 -33.17
CA ALA A 27 -19.19 -12.10 -34.24
C ALA A 27 -20.71 -11.87 -34.17
N ARG A 28 -21.27 -11.87 -32.95
CA ARG A 28 -22.73 -11.65 -32.70
C ARG A 28 -23.13 -10.28 -33.21
N ASN A 29 -22.20 -9.30 -33.23
CA ASN A 29 -22.46 -7.89 -33.56
C ASN A 29 -22.09 -7.62 -35.02
N GLY A 30 -22.01 -8.65 -35.87
CA GLY A 30 -21.95 -8.44 -37.33
C GLY A 30 -20.54 -8.31 -37.88
N ASN A 31 -19.52 -8.46 -37.05
CA ASN A 31 -18.11 -8.37 -37.52
C ASN A 31 -17.68 -9.75 -38.01
N THR A 32 -16.83 -9.76 -39.04
CA THR A 32 -16.06 -10.99 -39.38
C THR A 32 -14.82 -11.04 -38.49
N VAL A 33 -14.64 -12.15 -37.79
CA VAL A 33 -13.63 -12.29 -36.70
C VAL A 33 -12.67 -13.43 -36.98
N ALA A 34 -11.39 -13.07 -37.16
CA ALA A 34 -10.29 -14.06 -37.19
C ALA A 34 -10.06 -14.53 -35.75
N VAL A 35 -9.89 -15.83 -35.58
CA VAL A 35 -9.62 -16.44 -34.27
C VAL A 35 -8.39 -17.33 -34.41
N TYR A 36 -7.55 -17.29 -33.38
CA TYR A 36 -6.33 -18.12 -33.30
C TYR A 36 -6.02 -18.37 -31.84
N ASN A 37 -5.57 -19.59 -31.54
CA ASN A 37 -5.08 -19.95 -30.19
C ASN A 37 -3.84 -20.81 -30.41
N ARG A 38 -2.81 -20.63 -29.59
CA ARG A 38 -1.56 -21.44 -29.71
C ARG A 38 -1.94 -22.93 -29.80
N SER A 39 -2.71 -23.43 -28.84
CA SER A 39 -3.28 -24.80 -28.84
C SER A 39 -4.49 -24.85 -29.73
N THR A 40 -4.39 -25.57 -30.84
CA THR A 40 -5.44 -25.58 -31.86
C THR A 40 -6.77 -26.09 -31.28
N ASP A 41 -6.75 -26.99 -30.29
CA ASP A 41 -7.98 -27.65 -29.78
C ASP A 41 -8.98 -26.57 -29.32
N LYS A 42 -8.52 -25.44 -28.78
CA LYS A 42 -9.44 -24.36 -28.31
C LYS A 42 -10.08 -23.67 -29.52
N THR A 43 -9.34 -23.53 -30.62
CA THR A 43 -9.91 -22.93 -31.87
C THR A 43 -10.97 -23.88 -32.42
N ASP A 44 -10.66 -25.17 -32.43
CA ASP A 44 -11.59 -26.21 -32.94
C ASP A 44 -12.89 -26.12 -32.13
N LYS A 45 -12.75 -26.03 -30.81
CA LYS A 45 -13.86 -26.03 -29.81
C LYS A 45 -14.76 -24.80 -29.98
N LEU A 46 -14.20 -23.58 -30.14
CA LEU A 46 -14.95 -22.34 -30.44
C LEU A 46 -15.79 -22.50 -31.71
N ILE A 47 -15.14 -22.91 -32.79
CA ILE A 47 -15.80 -23.13 -34.10
C ILE A 47 -16.92 -24.17 -33.94
N ALA A 48 -16.68 -25.30 -33.27
CA ALA A 48 -17.67 -26.39 -33.13
C ALA A 48 -18.89 -25.88 -32.36
N ASP A 49 -18.63 -25.23 -31.22
CA ASP A 49 -19.66 -24.91 -30.20
C ASP A 49 -20.40 -23.63 -30.55
N HIS A 50 -19.78 -22.66 -31.25
CA HIS A 50 -20.31 -21.27 -31.40
C HIS A 50 -20.19 -20.72 -32.82
N GLY A 51 -19.71 -21.52 -33.79
CA GLY A 51 -19.48 -21.05 -35.16
C GLY A 51 -20.75 -20.54 -35.82
N SER A 52 -21.91 -21.02 -35.35
CA SER A 52 -23.25 -20.57 -35.80
C SER A 52 -23.52 -19.11 -35.41
N GLU A 53 -22.85 -18.56 -34.40
CA GLU A 53 -23.15 -17.20 -33.85
C GLU A 53 -22.76 -16.10 -34.84
N GLY A 54 -21.90 -16.37 -35.81
CA GLY A 54 -21.44 -15.33 -36.73
C GLY A 54 -20.35 -15.85 -37.64
N ASN A 55 -19.62 -14.93 -38.28
CA ASN A 55 -18.57 -15.25 -39.28
C ASN A 55 -17.20 -15.20 -38.59
N PHE A 56 -16.66 -16.39 -38.30
CA PHE A 56 -15.29 -16.59 -37.78
C PHE A 56 -14.37 -17.05 -38.91
N ILE A 57 -13.12 -16.59 -38.90
CA ILE A 57 -12.04 -17.21 -39.73
C ILE A 57 -11.00 -17.80 -38.77
N PRO A 58 -11.04 -19.14 -38.52
CA PRO A 58 -10.08 -19.81 -37.65
C PRO A 58 -8.79 -20.08 -38.44
N SER A 59 -7.64 -19.81 -37.81
CA SER A 59 -6.28 -20.14 -38.34
C SER A 59 -5.51 -20.93 -37.28
N ALA A 60 -4.62 -21.84 -37.72
CA ALA A 60 -3.82 -22.71 -36.85
C ALA A 60 -2.48 -22.02 -36.54
N THR A 61 -2.05 -21.08 -37.37
CA THR A 61 -0.73 -20.43 -37.19
C THR A 61 -0.87 -18.92 -37.16
N VAL A 62 0.08 -18.27 -36.51
CA VAL A 62 0.10 -16.80 -36.41
C VAL A 62 0.10 -16.21 -37.82
N GLU A 63 0.89 -16.77 -38.74
CA GLU A 63 1.01 -16.18 -40.10
C GLU A 63 -0.34 -16.30 -40.82
N GLU A 64 -1.02 -17.44 -40.76
CA GLU A 64 -2.35 -17.55 -41.41
C GLU A 64 -3.30 -16.52 -40.74
N PHE A 65 -3.21 -16.40 -39.42
CA PHE A 65 -4.10 -15.48 -38.64
C PHE A 65 -3.94 -14.05 -39.14
N VAL A 66 -2.71 -13.58 -39.20
CA VAL A 66 -2.37 -12.22 -39.69
C VAL A 66 -2.82 -12.03 -41.16
N ALA A 67 -2.60 -13.03 -42.02
CA ALA A 67 -3.01 -12.96 -43.45
C ALA A 67 -4.54 -12.88 -43.59
N SER A 68 -5.33 -13.38 -42.61
CA SER A 68 -6.82 -13.31 -42.65
C SER A 68 -7.35 -11.91 -42.31
N LEU A 69 -6.51 -10.96 -41.90
CA LEU A 69 -6.95 -9.65 -41.37
C LEU A 69 -6.83 -8.55 -42.43
N GLU A 70 -7.90 -7.77 -42.59
CA GLU A 70 -7.98 -6.55 -43.43
C GLU A 70 -7.06 -5.45 -42.89
N LYS A 71 -6.22 -4.83 -43.75
CA LYS A 71 -5.27 -3.76 -43.33
C LYS A 71 -6.03 -2.47 -43.08
N PRO A 72 -5.65 -1.62 -42.10
CA PRO A 72 -4.56 -1.90 -41.15
C PRO A 72 -5.02 -2.99 -40.16
N ARG A 73 -4.19 -4.00 -39.95
CA ARG A 73 -4.63 -5.23 -39.26
C ARG A 73 -4.85 -4.87 -37.79
N ARG A 74 -5.93 -5.40 -37.22
CA ARG A 74 -6.29 -5.20 -35.80
C ARG A 74 -6.37 -6.57 -35.15
N ALA A 75 -5.39 -6.86 -34.29
CA ALA A 75 -5.34 -8.13 -33.56
C ALA A 75 -5.42 -7.83 -32.06
N ILE A 76 -6.41 -8.43 -31.36
CA ILE A 76 -6.52 -8.30 -29.87
C ILE A 76 -5.99 -9.57 -29.20
N ILE A 77 -5.03 -9.39 -28.31
CA ILE A 77 -4.37 -10.46 -27.52
C ILE A 77 -5.10 -10.63 -26.19
N MET A 78 -5.55 -11.85 -25.96
CA MET A 78 -6.29 -12.26 -24.76
C MET A 78 -5.61 -13.51 -24.19
N VAL A 79 -4.38 -13.35 -23.73
CA VAL A 79 -3.60 -14.50 -23.17
C VAL A 79 -3.07 -14.16 -21.79
N GLN A 80 -2.41 -15.14 -21.17
CA GLN A 80 -1.81 -15.00 -19.83
C GLN A 80 -1.01 -13.72 -19.79
N ALA A 81 -1.19 -12.91 -18.75
CA ALA A 81 -0.45 -11.65 -18.52
C ALA A 81 1.03 -11.99 -18.30
N GLY A 82 1.91 -11.09 -18.67
CA GLY A 82 3.36 -11.16 -18.43
C GLY A 82 4.11 -11.65 -19.66
N ASN A 83 5.07 -12.57 -19.48
CA ASN A 83 5.91 -13.10 -20.59
C ASN A 83 5.08 -13.68 -21.74
N ALA A 84 3.96 -14.37 -21.49
CA ALA A 84 3.12 -14.98 -22.54
C ALA A 84 2.60 -13.87 -23.47
N THR A 85 2.16 -12.74 -22.91
CA THR A 85 1.68 -11.60 -23.71
C THR A 85 2.83 -11.03 -24.58
N ASP A 86 4.01 -10.85 -24.01
CA ASP A 86 5.20 -10.40 -24.77
C ASP A 86 5.52 -11.41 -25.87
N ALA A 87 5.38 -12.71 -25.61
CA ALA A 87 5.69 -13.76 -26.61
C ALA A 87 4.76 -13.56 -27.80
N VAL A 88 3.45 -13.38 -27.56
CA VAL A 88 2.44 -13.24 -28.64
C VAL A 88 2.64 -11.91 -29.37
N ILE A 89 2.93 -10.83 -28.64
CA ILE A 89 3.20 -9.52 -29.27
C ILE A 89 4.33 -9.70 -30.32
N ASN A 90 5.44 -10.32 -29.90
CA ASN A 90 6.61 -10.47 -30.81
C ASN A 90 6.20 -11.30 -32.02
N GLN A 91 5.46 -12.41 -31.84
CA GLN A 91 5.06 -13.30 -32.97
C GLN A 91 4.20 -12.49 -33.95
N LEU A 92 3.23 -11.71 -33.44
CA LEU A 92 2.38 -10.87 -34.33
C LEU A 92 3.24 -9.79 -35.02
N ALA A 93 4.05 -9.08 -34.29
CA ALA A 93 4.89 -7.98 -34.82
C ALA A 93 5.74 -8.49 -36.00
N ASP A 94 6.37 -9.64 -35.86
CA ASP A 94 7.25 -10.24 -36.91
C ASP A 94 6.44 -10.59 -38.15
N ALA A 95 5.16 -10.91 -37.99
CA ALA A 95 4.27 -11.36 -39.09
C ALA A 95 3.57 -10.18 -39.76
N MET A 96 3.50 -9.01 -39.13
CA MET A 96 2.66 -7.85 -39.56
C MET A 96 3.46 -6.90 -40.46
N ASP A 97 2.74 -5.99 -41.10
CA ASP A 97 3.28 -4.89 -41.94
C ASP A 97 3.24 -3.58 -41.15
N GLU A 98 4.01 -2.60 -41.60
CA GLU A 98 3.97 -1.22 -41.07
C GLU A 98 2.51 -0.73 -41.08
N GLY A 99 2.11 0.02 -40.05
CA GLY A 99 0.74 0.55 -39.88
C GLY A 99 -0.21 -0.45 -39.21
N ASP A 100 0.21 -1.68 -39.00
CA ASP A 100 -0.69 -2.68 -38.37
C ASP A 100 -0.79 -2.37 -36.86
N ILE A 101 -1.84 -2.90 -36.22
CA ILE A 101 -2.24 -2.51 -34.83
C ILE A 101 -2.31 -3.75 -33.97
N ILE A 102 -1.47 -3.80 -32.96
CA ILE A 102 -1.50 -4.89 -31.98
C ILE A 102 -2.20 -4.32 -30.75
N ILE A 103 -3.19 -5.04 -30.27
CA ILE A 103 -3.95 -4.60 -29.07
C ILE A 103 -3.80 -5.68 -28.01
N ASP A 104 -3.35 -5.30 -26.84
CA ASP A 104 -3.37 -6.20 -25.66
C ASP A 104 -4.63 -5.88 -24.86
N GLY A 105 -5.56 -6.84 -24.80
CA GLY A 105 -6.81 -6.73 -24.03
C GLY A 105 -6.72 -7.42 -22.67
N GLY A 106 -5.56 -8.01 -22.35
CA GLY A 106 -5.34 -8.68 -21.06
C GLY A 106 -5.20 -7.66 -19.95
N ASN A 107 -5.17 -8.16 -18.71
CA ASN A 107 -5.11 -7.33 -17.48
C ASN A 107 -3.64 -6.98 -17.26
N ALA A 108 -3.07 -6.17 -18.15
CA ALA A 108 -1.65 -5.78 -18.13
C ALA A 108 -1.33 -4.80 -17.01
N LEU A 109 -0.13 -4.93 -16.45
CA LEU A 109 0.53 -3.86 -15.68
C LEU A 109 0.82 -2.71 -16.63
N TYR A 110 0.40 -1.50 -16.27
CA TYR A 110 0.47 -0.38 -17.23
C TYR A 110 1.91 -0.06 -17.61
N THR A 111 2.88 -0.32 -16.71
CA THR A 111 4.33 -0.09 -16.97
C THR A 111 4.77 -1.08 -18.06
N ASP A 112 4.17 -2.27 -18.14
CA ASP A 112 4.47 -3.20 -19.27
C ASP A 112 3.92 -2.60 -20.57
N THR A 113 2.71 -2.07 -20.55
CA THR A 113 2.09 -1.45 -21.75
C THR A 113 2.98 -0.30 -22.23
N ILE A 114 3.47 0.50 -21.29
CA ILE A 114 4.31 1.66 -21.65
C ILE A 114 5.52 1.16 -22.44
N ARG A 115 6.19 0.16 -21.90
CA ARG A 115 7.42 -0.44 -22.51
C ARG A 115 7.06 -1.01 -23.89
N ARG A 116 5.98 -1.80 -23.99
CA ARG A 116 5.56 -2.40 -25.27
C ARG A 116 5.24 -1.32 -26.28
N GLU A 117 4.51 -0.27 -25.91
CA GLU A 117 4.13 0.75 -26.91
C GLU A 117 5.42 1.39 -27.50
N LYS A 118 6.46 1.56 -26.69
CA LYS A 118 7.75 2.20 -27.13
C LYS A 118 8.42 1.29 -28.16
N GLU A 119 8.59 0.00 -27.84
CA GLU A 119 9.23 -1.02 -28.69
C GLU A 119 8.46 -1.18 -30.00
N ILE A 120 7.13 -1.30 -29.92
CA ILE A 120 6.31 -1.64 -31.11
C ILE A 120 6.18 -0.39 -31.99
N SER A 121 5.98 0.80 -31.42
CA SER A 121 5.91 2.06 -32.21
C SER A 121 7.22 2.27 -32.99
N ALA A 122 8.36 1.93 -32.40
CA ALA A 122 9.70 2.14 -33.02
C ALA A 122 9.85 1.25 -34.26
N ARG A 123 9.02 0.21 -34.38
CA ARG A 123 9.03 -0.74 -35.52
C ARG A 123 8.05 -0.31 -36.61
N GLY A 124 7.39 0.84 -36.49
CA GLY A 124 6.38 1.33 -37.44
C GLY A 124 5.04 0.62 -37.29
N LEU A 125 4.81 -0.12 -36.21
CA LEU A 125 3.46 -0.65 -35.86
C LEU A 125 2.78 0.29 -34.84
N HIS A 126 1.54 -0.01 -34.49
CA HIS A 126 0.82 0.72 -33.42
C HIS A 126 0.51 -0.29 -32.31
N PHE A 127 0.65 0.16 -31.08
CA PHE A 127 0.33 -0.69 -29.92
C PHE A 127 -0.74 0.01 -29.09
N VAL A 128 -1.76 -0.77 -28.78
CA VAL A 128 -2.87 -0.33 -27.91
C VAL A 128 -2.94 -1.29 -26.73
N GLY A 129 -2.89 -0.75 -25.51
CA GLY A 129 -3.24 -1.52 -24.33
C GLY A 129 -4.66 -1.17 -23.94
N ALA A 130 -5.55 -2.15 -23.98
CA ALA A 130 -6.98 -1.94 -23.72
C ALA A 130 -7.39 -2.68 -22.46
N GLY A 131 -7.78 -1.92 -21.46
CA GLY A 131 -8.46 -2.53 -20.30
C GLY A 131 -9.85 -2.90 -20.66
N ILE A 132 -10.24 -4.10 -20.30
CA ILE A 132 -11.58 -4.65 -20.59
C ILE A 132 -12.21 -5.08 -19.27
N SER A 133 -13.26 -4.40 -18.86
CA SER A 133 -13.95 -4.63 -17.57
C SER A 133 -15.02 -5.71 -17.70
N GLY A 134 -15.60 -6.10 -16.57
CA GLY A 134 -16.80 -6.96 -16.51
C GLY A 134 -16.48 -8.44 -16.54
N GLY A 135 -15.21 -8.83 -16.60
CA GLY A 135 -14.81 -10.24 -16.54
C GLY A 135 -15.38 -11.01 -17.72
N GLU A 136 -15.58 -12.32 -17.56
CA GLU A 136 -16.02 -13.23 -18.64
C GLU A 136 -17.40 -12.79 -19.14
N GLU A 137 -18.30 -12.42 -18.24
CA GLU A 137 -19.68 -12.07 -18.62
C GLU A 137 -19.64 -10.79 -19.48
N GLY A 138 -18.85 -9.80 -19.07
CA GLY A 138 -18.73 -8.53 -19.82
C GLY A 138 -18.11 -8.78 -21.20
N ALA A 139 -17.09 -9.64 -21.27
CA ALA A 139 -16.46 -9.96 -22.57
C ALA A 139 -17.51 -10.52 -23.54
N LEU A 140 -18.47 -11.31 -23.05
CA LEU A 140 -19.48 -11.95 -23.93
C LEU A 140 -20.62 -10.97 -24.21
N ASN A 141 -21.05 -10.20 -23.21
CA ASN A 141 -22.34 -9.48 -23.28
C ASN A 141 -22.20 -7.95 -23.27
N GLY A 142 -21.01 -7.39 -23.21
CA GLY A 142 -20.85 -5.93 -23.33
C GLY A 142 -19.98 -5.35 -22.21
N PRO A 143 -18.69 -5.14 -22.48
CA PRO A 143 -17.78 -4.67 -21.46
C PRO A 143 -17.65 -3.15 -21.52
N SER A 144 -16.94 -2.60 -20.54
CA SER A 144 -16.36 -1.24 -20.60
C SER A 144 -14.95 -1.44 -21.16
N ILE A 145 -14.54 -0.63 -22.11
CA ILE A 145 -13.23 -0.81 -22.81
C ILE A 145 -12.46 0.49 -22.74
N MET A 146 -11.18 0.40 -22.34
CA MET A 146 -10.35 1.53 -21.95
C MET A 146 -9.06 1.44 -22.76
N PRO A 147 -9.09 1.85 -24.03
CA PRO A 147 -7.90 1.79 -24.88
C PRO A 147 -6.96 2.99 -24.70
N GLY A 148 -5.66 2.67 -24.59
CA GLY A 148 -4.57 3.65 -24.58
C GLY A 148 -3.59 3.29 -25.67
N GLY A 149 -3.02 4.30 -26.31
CA GLY A 149 -2.14 4.12 -27.49
C GLY A 149 -2.29 5.32 -28.39
N PRO A 150 -1.83 5.25 -29.65
CA PRO A 150 -1.85 6.44 -30.53
C PRO A 150 -3.30 6.79 -30.88
N ALA A 151 -3.65 8.07 -30.83
CA ALA A 151 -5.05 8.53 -31.02
C ALA A 151 -5.56 8.06 -32.39
N LYS A 152 -4.71 8.03 -33.40
CA LYS A 152 -5.12 7.67 -34.78
C LYS A 152 -5.62 6.22 -34.80
N SER A 153 -5.12 5.34 -33.92
CA SER A 153 -5.50 3.91 -33.83
C SER A 153 -7.01 3.79 -33.62
N TYR A 154 -7.58 4.71 -32.84
CA TYR A 154 -9.02 4.66 -32.47
C TYR A 154 -9.86 4.81 -33.73
N GLU A 155 -9.32 5.43 -34.78
CA GLU A 155 -10.13 5.65 -36.01
C GLU A 155 -10.50 4.32 -36.64
N SER A 156 -9.57 3.35 -36.76
CA SER A 156 -9.93 2.03 -37.36
C SER A 156 -10.48 1.09 -36.28
N LEU A 157 -10.07 1.26 -35.02
CA LEU A 157 -10.42 0.32 -33.93
C LEU A 157 -11.73 0.71 -33.23
N GLY A 158 -11.95 1.99 -33.03
CA GLY A 158 -13.06 2.58 -32.26
C GLY A 158 -14.41 2.00 -32.65
N PRO A 159 -14.78 1.99 -33.96
CA PRO A 159 -16.08 1.51 -34.40
C PRO A 159 -16.29 0.02 -34.11
N LEU A 160 -15.23 -0.79 -34.19
CA LEU A 160 -15.29 -2.21 -33.81
C LEU A 160 -15.56 -2.32 -32.30
N LEU A 161 -14.83 -1.54 -31.51
CA LEU A 161 -14.98 -1.59 -30.01
C LEU A 161 -16.38 -1.08 -29.66
N GLU A 162 -16.85 -0.03 -30.34
CA GLU A 162 -18.24 0.46 -30.09
C GLU A 162 -19.28 -0.58 -30.46
N SER A 163 -19.00 -1.47 -31.42
CA SER A 163 -19.98 -2.51 -31.84
C SER A 163 -20.23 -3.52 -30.73
N ILE A 164 -19.29 -3.69 -29.78
CA ILE A 164 -19.47 -4.72 -28.70
C ILE A 164 -19.61 -4.11 -27.31
N ALA A 165 -19.18 -2.88 -27.10
CA ALA A 165 -19.16 -2.28 -25.74
C ALA A 165 -20.56 -2.27 -25.13
N ALA A 166 -20.63 -2.34 -23.80
CA ALA A 166 -21.84 -1.93 -23.07
C ALA A 166 -22.32 -0.57 -23.62
N ASN A 167 -23.62 -0.35 -23.65
CA ASN A 167 -24.21 0.93 -24.14
C ASN A 167 -25.14 1.45 -23.04
N VAL A 168 -24.95 2.67 -22.60
CA VAL A 168 -25.80 3.31 -21.54
C VAL A 168 -26.50 4.50 -22.15
N ASP A 169 -27.83 4.45 -22.24
CA ASP A 169 -28.62 5.60 -22.77
C ASP A 169 -27.98 6.04 -24.11
N GLY A 170 -27.63 5.07 -24.93
CA GLY A 170 -27.12 5.28 -26.29
C GLY A 170 -25.66 5.68 -26.38
N THR A 171 -24.92 5.71 -25.28
CA THR A 171 -23.48 6.08 -25.26
C THR A 171 -22.69 4.78 -25.05
N PRO A 172 -21.82 4.39 -26.02
CA PRO A 172 -20.98 3.21 -25.90
C PRO A 172 -19.97 3.41 -24.77
N CYS A 173 -19.75 2.36 -24.01
CA CYS A 173 -18.79 2.42 -22.87
C CYS A 173 -17.38 2.15 -23.39
N VAL A 174 -16.92 2.99 -24.30
CA VAL A 174 -15.53 2.94 -24.80
C VAL A 174 -15.23 4.31 -25.38
N THR A 175 -14.05 4.81 -25.13
CA THR A 175 -13.53 6.03 -25.74
C THR A 175 -12.02 5.92 -25.65
N HIS A 176 -11.31 6.71 -26.46
CA HIS A 176 -9.83 6.68 -26.43
C HIS A 176 -9.38 7.36 -25.16
N ILE A 177 -8.66 6.67 -24.29
CA ILE A 177 -8.35 7.20 -22.93
C ILE A 177 -7.21 8.21 -23.01
N GLY A 178 -6.16 7.85 -23.76
CA GLY A 178 -4.90 8.60 -23.76
C GLY A 178 -3.81 7.74 -24.37
N PRO A 179 -2.58 8.27 -24.42
CA PRO A 179 -1.44 7.54 -24.99
C PRO A 179 -0.97 6.33 -24.17
N ASP A 180 -0.19 5.49 -24.83
CA ASP A 180 0.50 4.30 -24.28
C ASP A 180 -0.30 3.58 -23.15
N GLY A 181 0.18 3.66 -21.91
CA GLY A 181 -0.35 2.88 -20.77
C GLY A 181 -1.60 3.47 -20.13
N ALA A 182 -2.16 4.59 -20.64
CA ALA A 182 -3.28 5.28 -19.95
C ALA A 182 -4.48 4.33 -19.72
N GLY A 183 -4.79 3.50 -20.69
CA GLY A 183 -5.92 2.56 -20.67
C GLY A 183 -5.76 1.50 -19.60
N HIS A 184 -4.64 0.80 -19.60
CA HIS A 184 -4.41 -0.23 -18.55
C HIS A 184 -4.29 0.43 -17.16
N PHE A 185 -3.84 1.68 -17.09
CA PHE A 185 -3.73 2.43 -15.83
C PHE A 185 -5.13 2.72 -15.29
N VAL A 186 -6.07 3.20 -16.12
CA VAL A 186 -7.38 3.57 -15.52
C VAL A 186 -8.14 2.31 -15.20
N LYS A 187 -7.90 1.21 -15.90
CA LYS A 187 -8.52 -0.08 -15.58
C LYS A 187 -8.03 -0.54 -14.19
N MET A 188 -6.74 -0.42 -13.96
CA MET A 188 -6.12 -0.77 -12.65
C MET A 188 -6.77 0.04 -11.53
N VAL A 189 -6.97 1.34 -11.73
CA VAL A 189 -7.65 2.15 -10.70
C VAL A 189 -9.09 1.69 -10.53
N HIS A 190 -9.80 1.47 -11.62
CA HIS A 190 -11.17 0.90 -11.59
C HIS A 190 -11.20 -0.38 -10.74
N ASN A 191 -10.20 -1.25 -10.86
CA ASN A 191 -10.13 -2.48 -10.05
C ASN A 191 -10.01 -2.17 -8.56
N GLY A 192 -9.24 -1.14 -8.21
CA GLY A 192 -9.13 -0.73 -6.80
C GLY A 192 -10.42 -0.17 -6.28
N ILE A 193 -11.08 0.66 -7.09
CA ILE A 193 -12.36 1.28 -6.69
C ILE A 193 -13.35 0.13 -6.41
N GLU A 194 -13.39 -0.90 -7.24
CA GLU A 194 -14.33 -2.04 -7.05
C GLU A 194 -14.12 -2.63 -5.65
N TYR A 195 -12.84 -2.80 -5.25
CA TYR A 195 -12.55 -3.29 -3.88
C TYR A 195 -13.19 -2.36 -2.84
N ALA A 196 -13.05 -1.04 -2.98
CA ALA A 196 -13.59 -0.08 -2.00
C ALA A 196 -15.12 -0.14 -1.97
N ASP A 197 -15.77 -0.21 -3.14
CA ASP A 197 -17.24 -0.30 -3.22
C ASP A 197 -17.73 -1.55 -2.49
N MET A 198 -17.05 -2.68 -2.65
CA MET A 198 -17.48 -3.94 -2.04
C MET A 198 -17.24 -3.89 -0.53
N GLN A 199 -16.15 -3.23 -0.10
CA GLN A 199 -15.80 -3.15 1.35
C GLN A 199 -16.81 -2.28 2.10
N VAL A 200 -17.25 -1.16 1.51
CA VAL A 200 -18.14 -0.21 2.23
C VAL A 200 -19.51 -0.87 2.36
N ILE A 201 -19.93 -1.63 1.35
CA ILE A 201 -21.16 -2.49 1.44
C ILE A 201 -21.00 -3.51 2.56
N GLY A 202 -19.87 -4.22 2.64
CA GLY A 202 -19.56 -5.15 3.72
C GLY A 202 -19.62 -4.55 5.12
N GLU A 203 -19.10 -3.34 5.31
CA GLU A 203 -19.14 -2.63 6.59
C GLU A 203 -20.60 -2.29 6.91
N ALA A 204 -21.39 -1.85 5.94
CA ALA A 204 -22.81 -1.52 6.20
C ALA A 204 -23.51 -2.80 6.62
N TYR A 205 -23.28 -3.87 5.89
CA TYR A 205 -23.86 -5.19 6.23
C TYR A 205 -23.49 -5.55 7.66
N HIS A 206 -22.22 -5.45 8.03
CA HIS A 206 -21.70 -5.88 9.35
C HIS A 206 -22.42 -5.10 10.48
N LEU A 207 -22.56 -3.79 10.32
CA LEU A 207 -23.29 -2.93 11.29
C LEU A 207 -24.78 -3.32 11.35
N LEU A 208 -25.46 -3.52 10.22
CA LEU A 208 -26.92 -3.85 10.28
C LEU A 208 -27.11 -5.21 10.95
N ARG A 209 -26.21 -6.14 10.73
CA ARG A 209 -26.30 -7.49 11.36
C ARG A 209 -25.92 -7.42 12.83
N TYR A 210 -24.77 -6.81 13.18
CA TYR A 210 -24.19 -7.04 14.52
C TYR A 210 -24.51 -5.87 15.45
N ALA A 211 -24.93 -4.73 14.94
CA ALA A 211 -25.37 -3.58 15.76
C ALA A 211 -26.89 -3.55 15.77
N ALA A 212 -27.55 -3.57 14.61
CA ALA A 212 -29.03 -3.48 14.53
C ALA A 212 -29.69 -4.86 14.69
N GLY A 213 -28.94 -5.95 14.75
CA GLY A 213 -29.47 -7.31 15.03
C GLY A 213 -30.33 -7.81 13.88
N MET A 214 -30.11 -7.32 12.66
CA MET A 214 -30.91 -7.80 11.49
C MET A 214 -30.31 -9.10 10.96
N GLN A 215 -31.16 -10.04 10.56
CA GLN A 215 -30.71 -11.25 9.82
C GLN A 215 -30.56 -10.91 8.33
N PRO A 216 -29.74 -11.69 7.60
CA PRO A 216 -29.48 -11.45 6.18
C PRO A 216 -30.70 -11.16 5.31
N ALA A 217 -31.81 -11.93 5.47
CA ALA A 217 -33.05 -11.70 4.69
C ALA A 217 -33.60 -10.29 4.96
N GLU A 218 -33.56 -9.81 6.20
CA GLU A 218 -34.01 -8.42 6.50
C GLU A 218 -33.01 -7.42 5.87
N ILE A 219 -31.71 -7.67 5.96
CA ILE A 219 -30.68 -6.74 5.40
C ILE A 219 -30.87 -6.62 3.89
N ALA A 220 -31.25 -7.71 3.21
CA ALA A 220 -31.52 -7.74 1.77
C ALA A 220 -32.62 -6.74 1.42
N GLU A 221 -33.68 -6.66 2.24
CA GLU A 221 -34.81 -5.73 2.02
C GLU A 221 -34.33 -4.28 2.22
N VAL A 222 -33.45 -4.04 3.19
CA VAL A 222 -32.87 -2.69 3.43
C VAL A 222 -32.09 -2.28 2.19
N PHE A 223 -31.20 -3.13 1.69
CA PHE A 223 -30.38 -2.79 0.51
C PHE A 223 -31.27 -2.50 -0.70
N LYS A 224 -32.35 -3.24 -0.88
CA LYS A 224 -33.28 -2.96 -2.02
C LYS A 224 -33.88 -1.56 -1.87
N GLU A 225 -34.20 -1.12 -0.65
CA GLU A 225 -34.79 0.22 -0.42
C GLU A 225 -33.71 1.27 -0.70
N TRP A 226 -32.49 1.00 -0.26
CA TRP A 226 -31.38 1.97 -0.53
C TRP A 226 -31.16 2.06 -2.03
N ASN A 227 -31.36 0.95 -2.72
CA ASN A 227 -31.05 0.89 -4.17
C ASN A 227 -32.02 1.77 -4.96
N ALA A 228 -33.14 2.21 -4.36
CA ALA A 228 -34.15 3.11 -4.98
C ALA A 228 -33.63 4.56 -4.89
N GLY A 229 -32.71 4.83 -3.97
CA GLY A 229 -32.22 6.21 -3.75
C GLY A 229 -30.90 6.50 -4.45
N ASP A 230 -30.14 7.44 -3.91
CA ASP A 230 -28.91 7.98 -4.56
C ASP A 230 -27.85 6.88 -4.73
N LEU A 231 -27.86 5.83 -3.92
CA LEU A 231 -26.80 4.78 -3.92
C LEU A 231 -27.01 3.78 -5.05
N ASP A 232 -28.18 3.82 -5.71
CA ASP A 232 -28.58 2.91 -6.81
C ASP A 232 -27.36 2.35 -7.56
N SER A 233 -27.11 1.06 -7.43
CA SER A 233 -25.89 0.45 -8.04
C SER A 233 -26.13 -1.02 -8.32
N TYR A 234 -25.38 -1.53 -9.30
CA TYR A 234 -25.35 -2.97 -9.58
C TYR A 234 -24.87 -3.74 -8.34
N LEU A 235 -23.86 -3.25 -7.65
CA LEU A 235 -23.30 -3.98 -6.49
C LEU A 235 -24.34 -4.10 -5.37
N ILE A 236 -25.12 -3.07 -5.14
CA ILE A 236 -26.15 -3.12 -4.07
C ILE A 236 -27.26 -4.05 -4.53
N GLU A 237 -27.65 -4.03 -5.80
CA GLU A 237 -28.69 -4.95 -6.34
C GLU A 237 -28.25 -6.40 -6.05
N ILE A 238 -27.04 -6.79 -6.46
CA ILE A 238 -26.60 -8.20 -6.34
C ILE A 238 -26.36 -8.56 -4.89
N THR A 239 -25.98 -7.59 -4.06
CA THR A 239 -25.82 -7.81 -2.62
C THR A 239 -27.14 -8.29 -2.01
N ALA A 240 -28.27 -7.68 -2.35
CA ALA A 240 -29.59 -8.11 -1.81
C ALA A 240 -29.89 -9.55 -2.27
N GLU A 241 -29.52 -9.95 -3.49
CA GLU A 241 -29.78 -11.32 -3.99
C GLU A 241 -28.93 -12.31 -3.20
N VAL A 242 -27.67 -11.96 -2.92
CA VAL A 242 -26.76 -12.81 -2.14
C VAL A 242 -27.31 -12.98 -0.72
N LEU A 243 -27.71 -11.90 -0.08
CA LEU A 243 -28.16 -11.93 1.33
C LEU A 243 -29.52 -12.65 1.42
N SER A 244 -30.33 -12.68 0.35
CA SER A 244 -31.63 -13.40 0.36
C SER A 244 -31.41 -14.90 0.26
N GLN A 245 -30.26 -15.34 -0.25
CA GLN A 245 -30.06 -16.74 -0.65
C GLN A 245 -30.00 -17.63 0.58
N VAL A 246 -30.76 -18.73 0.56
CA VAL A 246 -30.74 -19.73 1.67
C VAL A 246 -29.95 -20.94 1.17
N ASP A 247 -29.04 -21.45 1.99
CA ASP A 247 -28.31 -22.71 1.72
C ASP A 247 -29.28 -23.89 1.90
N ALA A 248 -29.58 -24.63 0.84
CA ALA A 248 -30.57 -25.73 0.84
C ALA A 248 -30.18 -26.77 1.90
N GLU A 249 -28.90 -27.15 1.95
CA GLU A 249 -28.34 -28.24 2.80
C GLU A 249 -28.52 -27.94 4.30
N THR A 250 -28.34 -26.71 4.76
CA THR A 250 -28.38 -26.40 6.22
C THR A 250 -29.61 -25.60 6.59
N GLY A 251 -30.25 -24.93 5.63
CA GLY A 251 -31.29 -23.92 5.91
C GLY A 251 -30.71 -22.60 6.42
N LYS A 252 -29.40 -22.47 6.64
CA LYS A 252 -28.80 -21.19 7.10
C LYS A 252 -28.72 -20.24 5.92
N PRO A 253 -28.59 -18.91 6.18
CA PRO A 253 -28.24 -17.99 5.08
C PRO A 253 -26.99 -18.50 4.37
N LEU A 254 -26.95 -18.44 3.05
CA LEU A 254 -25.77 -18.91 2.29
C LEU A 254 -24.51 -18.23 2.84
N ILE A 255 -24.56 -16.93 3.06
CA ILE A 255 -23.38 -16.16 3.53
C ILE A 255 -22.80 -16.83 4.78
N ASP A 256 -23.64 -17.43 5.63
CA ASP A 256 -23.22 -18.01 6.94
C ASP A 256 -22.46 -19.34 6.76
N VAL A 257 -22.56 -20.01 5.62
CA VAL A 257 -21.81 -21.27 5.38
C VAL A 257 -20.63 -21.02 4.45
N ILE A 258 -20.46 -19.80 3.95
CA ILE A 258 -19.29 -19.43 3.10
C ILE A 258 -18.09 -19.16 4.00
N VAL A 259 -16.89 -19.60 3.60
CA VAL A 259 -15.64 -19.32 4.38
C VAL A 259 -15.36 -17.82 4.19
N ASP A 260 -15.21 -17.09 5.28
CA ASP A 260 -15.13 -15.60 5.27
C ASP A 260 -13.68 -15.17 5.01
N ALA A 261 -13.16 -15.60 3.88
CA ALA A 261 -11.75 -15.37 3.46
C ALA A 261 -11.77 -14.98 1.99
N ALA A 262 -11.40 -13.75 1.67
CA ALA A 262 -11.28 -13.26 0.28
C ALA A 262 -9.84 -13.50 -0.22
N GLY A 263 -8.86 -13.34 0.69
CA GLY A 263 -7.49 -13.93 0.65
C GLY A 263 -6.42 -13.10 -0.03
N GLN A 264 -6.06 -13.48 -1.26
CA GLN A 264 -5.34 -12.64 -2.26
C GLN A 264 -5.51 -13.29 -3.63
N LYS A 265 -6.70 -13.15 -4.21
CA LYS A 265 -7.02 -13.59 -5.58
C LYS A 265 -7.60 -12.36 -6.32
N GLY A 266 -6.70 -11.43 -6.68
CA GLY A 266 -7.07 -10.17 -7.35
C GLY A 266 -5.94 -9.15 -7.36
N THR A 267 -6.14 -8.03 -8.04
CA THR A 267 -5.09 -7.09 -8.47
C THR A 267 -5.37 -5.69 -7.90
N GLY A 268 -6.28 -5.59 -6.94
CA GLY A 268 -6.55 -4.31 -6.27
C GLY A 268 -5.28 -3.80 -5.65
N ARG A 269 -4.36 -4.69 -5.27
CA ARG A 269 -3.11 -4.26 -4.65
C ARG A 269 -2.32 -3.36 -5.62
N TRP A 270 -2.41 -3.55 -6.94
CA TRP A 270 -1.60 -2.77 -7.92
C TRP A 270 -1.99 -1.30 -7.83
N THR A 271 -3.28 -1.04 -7.61
CA THR A 271 -3.84 0.32 -7.46
C THR A 271 -3.15 1.02 -6.29
N VAL A 272 -3.01 0.32 -5.17
CA VAL A 272 -2.43 0.90 -3.93
C VAL A 272 -0.93 1.12 -4.18
N LYS A 273 -0.26 0.19 -4.84
CA LYS A 273 1.21 0.32 -5.05
C LYS A 273 1.46 1.54 -5.92
N ALA A 274 0.67 1.73 -6.96
CA ALA A 274 0.77 2.92 -7.82
C ALA A 274 0.51 4.19 -7.00
N ALA A 275 -0.47 4.17 -6.09
CA ALA A 275 -0.84 5.33 -5.25
C ALA A 275 0.35 5.72 -4.38
N LEU A 276 1.03 4.72 -3.84
CA LEU A 276 2.20 4.94 -2.97
C LEU A 276 3.32 5.58 -3.79
N ASP A 277 3.52 5.14 -5.05
CA ASP A 277 4.58 5.71 -5.91
C ASP A 277 4.19 7.11 -6.33
N LEU A 278 2.91 7.37 -6.52
CA LEU A 278 2.44 8.71 -6.97
C LEU A 278 2.23 9.67 -5.80
N GLY A 279 2.37 9.25 -4.54
CA GLY A 279 2.18 10.18 -3.41
C GLY A 279 0.71 10.52 -3.21
N ILE A 280 -0.20 9.58 -3.50
CA ILE A 280 -1.65 9.82 -3.31
C ILE A 280 -2.17 8.96 -2.16
N ALA A 281 -2.85 9.60 -1.23
CA ALA A 281 -3.39 8.90 -0.03
C ALA A 281 -4.69 8.18 -0.36
N THR A 282 -4.62 7.01 -0.97
CA THR A 282 -5.80 6.16 -1.24
C THR A 282 -6.11 5.32 -0.01
N THR A 283 -6.59 5.93 1.07
CA THR A 283 -6.90 5.23 2.34
C THR A 283 -8.07 4.27 2.15
N GLY A 284 -9.04 4.63 1.31
CA GLY A 284 -10.23 3.78 1.11
C GLY A 284 -9.86 2.48 0.41
N ILE A 285 -9.23 2.59 -0.74
CA ILE A 285 -8.83 1.41 -1.53
C ILE A 285 -7.80 0.63 -0.72
N GLY A 286 -6.89 1.32 -0.07
CA GLY A 286 -5.87 0.65 0.77
C GLY A 286 -6.49 -0.19 1.89
N GLU A 287 -7.39 0.38 2.68
CA GLU A 287 -8.04 -0.36 3.78
C GLU A 287 -8.86 -1.50 3.20
N ALA A 288 -9.52 -1.32 2.04
CA ALA A 288 -10.25 -2.41 1.38
C ALA A 288 -9.30 -3.56 1.09
N VAL A 289 -8.16 -3.28 0.48
CA VAL A 289 -7.17 -4.34 0.14
C VAL A 289 -6.63 -4.97 1.43
N PHE A 290 -6.25 -4.18 2.42
CA PHE A 290 -5.76 -4.69 3.71
C PHE A 290 -6.84 -5.60 4.34
N ALA A 291 -8.13 -5.27 4.19
CA ALA A 291 -9.19 -6.05 4.86
C ALA A 291 -9.25 -7.41 4.20
N ARG A 292 -9.06 -7.46 2.87
CA ARG A 292 -9.10 -8.76 2.15
C ARG A 292 -7.91 -9.58 2.63
N ALA A 293 -6.74 -8.96 2.76
CA ALA A 293 -5.55 -9.68 3.23
C ALA A 293 -5.79 -10.26 4.63
N LEU A 294 -6.30 -9.45 5.56
CA LEU A 294 -6.51 -9.90 6.96
C LEU A 294 -7.48 -11.07 6.97
N SER A 295 -8.51 -11.03 6.12
CA SER A 295 -9.58 -12.05 6.15
C SER A 295 -8.97 -13.42 5.86
N GLY A 296 -7.91 -13.44 5.05
CA GLY A 296 -7.24 -14.67 4.58
C GLY A 296 -6.17 -15.17 5.54
N ALA A 297 -5.95 -14.52 6.68
CA ALA A 297 -4.93 -14.97 7.66
C ALA A 297 -5.56 -16.04 8.57
N THR A 298 -5.77 -17.23 8.02
CA THR A 298 -6.66 -18.22 8.67
C THR A 298 -6.10 -18.61 10.04
N SER A 299 -4.84 -19.04 10.10
CA SER A 299 -4.23 -19.54 11.36
C SER A 299 -4.20 -18.41 12.38
N GLN A 300 -3.90 -17.17 11.98
CA GLN A 300 -3.81 -16.05 12.93
C GLN A 300 -5.19 -15.73 13.53
N ARG A 301 -6.23 -15.69 12.71
CA ARG A 301 -7.62 -15.44 13.14
C ARG A 301 -8.07 -16.57 14.06
N ALA A 302 -7.71 -17.81 13.74
CA ALA A 302 -8.12 -18.97 14.57
C ALA A 302 -7.46 -18.82 15.95
N ALA A 303 -6.23 -18.35 16.01
CA ALA A 303 -5.47 -18.15 17.26
C ALA A 303 -6.04 -16.94 18.01
N ALA A 304 -6.53 -15.91 17.31
CA ALA A 304 -6.97 -14.67 17.97
C ALA A 304 -8.41 -14.79 18.53
N GLN A 305 -9.26 -15.63 17.93
CA GLN A 305 -10.69 -15.78 18.37
C GLN A 305 -10.79 -15.98 19.88
N GLY A 306 -11.50 -15.08 20.58
CA GLY A 306 -11.77 -15.17 22.02
C GLY A 306 -10.58 -14.91 22.92
N ASN A 307 -9.44 -14.41 22.39
CA ASN A 307 -8.20 -14.22 23.18
C ASN A 307 -7.84 -12.75 23.27
N LEU A 308 -8.49 -11.87 22.51
CA LEU A 308 -8.13 -10.44 22.63
C LEU A 308 -9.23 -9.76 23.43
N PRO A 309 -8.86 -9.00 24.46
CA PRO A 309 -9.84 -8.30 25.30
C PRO A 309 -10.64 -7.27 24.47
N ALA A 310 -11.96 -7.35 24.63
CA ALA A 310 -12.96 -6.51 23.95
C ALA A 310 -13.02 -5.13 24.60
N GLY A 311 -12.75 -5.03 25.90
CA GLY A 311 -13.17 -3.87 26.70
C GLY A 311 -14.69 -3.89 27.01
N VAL A 312 -15.15 -2.93 27.79
CA VAL A 312 -16.59 -2.73 28.12
C VAL A 312 -17.31 -2.29 26.83
N LEU A 313 -18.23 -3.10 26.37
CA LEU A 313 -19.02 -2.78 25.15
C LEU A 313 -20.45 -2.45 25.55
N THR A 314 -21.18 -1.78 24.67
CA THR A 314 -22.60 -1.43 24.87
C THR A 314 -23.39 -1.92 23.66
N ASP A 315 -24.63 -1.47 23.53
CA ASP A 315 -25.53 -1.92 22.43
C ASP A 315 -26.52 -0.77 22.17
N LEU A 316 -27.23 -0.83 21.05
CA LEU A 316 -28.08 0.32 20.63
C LEU A 316 -29.16 0.55 21.69
N GLU A 317 -29.68 -0.52 22.27
CA GLU A 317 -30.74 -0.42 23.33
C GLU A 317 -30.22 0.42 24.50
N ALA A 318 -29.08 0.06 25.09
CA ALA A 318 -28.46 0.80 26.22
C ALA A 318 -28.12 2.24 25.80
N LEU A 319 -27.74 2.49 24.54
CA LEU A 319 -27.42 3.84 24.04
C LEU A 319 -28.69 4.66 23.78
N GLY A 320 -29.85 4.02 23.72
CA GLY A 320 -31.12 4.70 23.43
C GLY A 320 -31.26 5.01 21.96
N VAL A 321 -30.54 4.30 21.08
CA VAL A 321 -30.53 4.57 19.61
C VAL A 321 -31.72 3.87 18.98
N ASP A 322 -32.52 4.65 18.25
CA ASP A 322 -33.61 4.14 17.38
C ASP A 322 -33.00 3.38 16.19
N LYS A 323 -33.48 2.17 15.97
CA LYS A 323 -33.00 1.22 14.93
C LYS A 323 -33.16 1.86 13.54
N ALA A 324 -34.34 2.43 13.20
CA ALA A 324 -34.56 3.09 11.90
C ALA A 324 -33.57 4.25 11.72
N GLN A 325 -33.29 5.04 12.77
CA GLN A 325 -32.37 6.22 12.66
C GLN A 325 -30.95 5.68 12.40
N PHE A 326 -30.60 4.60 13.09
CA PHE A 326 -29.27 3.97 12.94
C PHE A 326 -29.07 3.42 11.53
N VAL A 327 -30.04 2.68 11.01
CA VAL A 327 -30.04 2.16 9.62
C VAL A 327 -29.81 3.30 8.63
N GLU A 328 -30.52 4.42 8.75
CA GLU A 328 -30.29 5.58 7.84
C GLU A 328 -28.89 6.17 8.08
N ASP A 329 -28.42 6.23 9.32
CA ASP A 329 -27.05 6.75 9.60
C ASP A 329 -26.01 5.87 8.88
N VAL A 330 -26.19 4.57 8.91
CA VAL A 330 -25.27 3.63 8.19
C VAL A 330 -25.32 3.86 6.69
N ARG A 331 -26.52 4.10 6.14
CA ARG A 331 -26.64 4.40 4.70
C ARG A 331 -25.77 5.62 4.38
N ARG A 332 -25.85 6.66 5.19
CA ARG A 332 -25.14 7.92 4.96
C ARG A 332 -23.63 7.74 5.21
N ALA A 333 -23.21 6.92 6.16
CA ALA A 333 -21.78 6.58 6.34
C ALA A 333 -21.27 5.87 5.08
N LEU A 334 -22.09 4.98 4.53
CA LEU A 334 -21.71 4.22 3.32
C LEU A 334 -21.49 5.19 2.18
N TYR A 335 -22.46 6.07 1.95
CA TYR A 335 -22.35 7.11 0.89
C TYR A 335 -21.08 7.95 1.10
N ALA A 336 -20.87 8.49 2.30
CA ALA A 336 -19.72 9.38 2.56
C ALA A 336 -18.42 8.63 2.27
N SER A 337 -18.37 7.36 2.67
CA SER A 337 -17.10 6.61 2.60
C SER A 337 -16.86 6.19 1.15
N LYS A 338 -17.93 5.86 0.43
CA LYS A 338 -17.83 5.60 -1.03
C LYS A 338 -17.26 6.86 -1.70
N LEU A 339 -17.81 8.03 -1.36
CA LEU A 339 -17.40 9.31 -1.97
C LEU A 339 -15.94 9.56 -1.67
N VAL A 340 -15.50 9.34 -0.43
CA VAL A 340 -14.05 9.51 -0.12
C VAL A 340 -13.22 8.56 -1.00
N ALA A 341 -13.61 7.29 -1.12
CA ALA A 341 -12.78 6.30 -1.85
C ALA A 341 -12.68 6.72 -3.31
N TYR A 342 -13.79 7.18 -3.92
CA TYR A 342 -13.77 7.68 -5.31
C TYR A 342 -12.95 8.95 -5.41
N ALA A 343 -13.08 9.87 -4.47
CA ALA A 343 -12.30 11.13 -4.52
C ALA A 343 -10.82 10.77 -4.62
N GLN A 344 -10.39 9.82 -3.79
CA GLN A 344 -8.97 9.40 -3.72
C GLN A 344 -8.61 8.70 -5.02
N GLY A 345 -9.47 7.84 -5.58
CA GLY A 345 -9.16 7.16 -6.84
C GLY A 345 -9.01 8.14 -8.00
N PHE A 346 -9.86 9.17 -8.03
CA PHE A 346 -9.77 10.21 -9.07
C PHE A 346 -8.53 11.07 -8.87
N ASP A 347 -8.11 11.33 -7.63
CA ASP A 347 -6.79 11.96 -7.33
C ASP A 347 -5.66 11.07 -7.88
N GLU A 348 -5.79 9.75 -7.78
CA GLU A 348 -4.76 8.81 -8.32
C GLU A 348 -4.75 8.89 -9.85
N ILE A 349 -5.91 8.98 -10.48
CA ILE A 349 -6.01 9.09 -11.96
C ILE A 349 -5.32 10.39 -12.41
N LYS A 350 -5.59 11.50 -11.77
CA LYS A 350 -4.97 12.80 -12.09
C LYS A 350 -3.45 12.68 -11.92
N ALA A 351 -2.98 12.14 -10.79
CA ALA A 351 -1.53 12.05 -10.50
C ALA A 351 -0.87 11.16 -11.55
N GLY A 352 -1.48 10.03 -11.91
CA GLY A 352 -0.91 9.15 -12.94
C GLY A 352 -0.83 9.83 -14.29
N SER A 353 -1.88 10.57 -14.66
CA SER A 353 -1.99 11.29 -15.95
C SER A 353 -0.93 12.40 -15.99
N ASP A 354 -0.77 13.14 -14.91
CA ASP A 354 0.26 14.22 -14.85
C ASP A 354 1.66 13.59 -15.00
N GLU A 355 1.96 12.52 -14.26
CA GLU A 355 3.30 11.88 -14.26
C GLU A 355 3.63 11.39 -15.67
N ASN A 356 2.63 10.96 -16.43
CA ASN A 356 2.87 10.24 -17.70
C ASN A 356 2.48 11.12 -18.91
N ASN A 357 2.12 12.40 -18.70
CA ASN A 357 1.57 13.35 -19.72
C ASN A 357 0.50 12.66 -20.59
N TRP A 358 -0.57 12.13 -19.95
CA TRP A 358 -1.65 11.46 -20.69
C TRP A 358 -2.84 12.38 -21.01
N ASP A 359 -3.03 13.46 -20.26
CA ASP A 359 -4.22 14.37 -20.35
C ASP A 359 -5.50 13.57 -20.21
N VAL A 360 -5.55 12.63 -19.27
CA VAL A 360 -6.77 11.82 -19.07
C VAL A 360 -7.91 12.75 -18.68
N ASP A 361 -9.04 12.60 -19.36
CA ASP A 361 -10.25 13.35 -18.99
C ASP A 361 -11.09 12.46 -18.08
N PRO A 362 -11.27 12.82 -16.81
CA PRO A 362 -11.97 11.92 -15.90
C PRO A 362 -13.43 11.76 -16.28
N ARG A 363 -14.00 12.71 -17.06
CA ARG A 363 -15.39 12.59 -17.50
C ARG A 363 -15.55 11.31 -18.33
N ASP A 364 -14.52 10.96 -19.13
CA ASP A 364 -14.54 9.77 -20.01
C ASP A 364 -14.73 8.56 -19.11
N LEU A 365 -13.96 8.48 -18.01
CA LEU A 365 -13.97 7.27 -17.14
C LEU A 365 -15.33 7.11 -16.46
N ALA A 366 -15.84 8.20 -15.87
CA ALA A 366 -17.14 8.15 -15.15
C ALA A 366 -18.26 7.88 -16.17
N THR A 367 -18.11 8.28 -17.43
CA THR A 367 -19.10 7.94 -18.47
C THR A 367 -19.04 6.45 -18.78
N ILE A 368 -17.86 5.90 -19.13
CA ILE A 368 -17.78 4.51 -19.66
C ILE A 368 -17.88 3.48 -18.52
N TRP A 369 -17.73 3.82 -17.24
CA TRP A 369 -17.88 2.83 -16.14
C TRP A 369 -19.35 2.64 -15.78
N ARG A 370 -20.30 3.31 -16.49
CA ARG A 370 -21.74 3.17 -16.21
C ARG A 370 -22.30 1.89 -16.80
N GLY A 371 -21.56 1.23 -17.68
CA GLY A 371 -21.99 -0.03 -18.31
C GLY A 371 -20.88 -1.07 -18.23
N GLY A 372 -21.23 -2.33 -18.06
CA GLY A 372 -20.33 -3.48 -18.26
C GLY A 372 -19.22 -3.60 -17.21
N CYS A 373 -19.28 -2.84 -16.15
CA CYS A 373 -18.31 -2.70 -15.02
C CYS A 373 -19.11 -3.18 -13.81
N ILE A 374 -18.50 -3.84 -12.83
CA ILE A 374 -19.15 -4.17 -11.52
C ILE A 374 -19.53 -2.90 -10.74
N ILE A 375 -18.79 -1.79 -10.87
CA ILE A 375 -18.99 -0.54 -10.11
C ILE A 375 -20.05 0.37 -10.72
N ARG A 376 -20.67 -0.05 -11.80
CA ARG A 376 -21.70 0.78 -12.47
C ARG A 376 -22.75 1.23 -11.43
N ALA A 377 -23.03 2.52 -11.50
CA ALA A 377 -24.00 3.20 -10.65
C ALA A 377 -24.31 4.57 -11.24
N LYS A 378 -25.52 5.06 -10.99
CA LYS A 378 -25.90 6.42 -11.45
C LYS A 378 -25.10 7.50 -10.71
N PHE A 379 -24.52 7.20 -9.53
CA PHE A 379 -23.53 8.04 -8.83
C PHE A 379 -22.43 8.51 -9.80
N LEU A 380 -22.05 7.67 -10.77
CA LEU A 380 -20.96 8.06 -11.72
C LEU A 380 -21.32 9.32 -12.52
N ASN A 381 -22.61 9.57 -12.78
CA ASN A 381 -23.02 10.80 -13.54
C ASN A 381 -22.63 12.04 -12.74
N ARG A 382 -22.68 11.96 -11.42
CA ARG A 382 -22.31 13.11 -10.55
C ARG A 382 -20.82 13.41 -10.70
N ILE A 383 -20.01 12.39 -10.98
CA ILE A 383 -18.58 12.63 -11.23
C ILE A 383 -18.38 13.35 -12.57
N VAL A 384 -19.03 12.88 -13.62
CA VAL A 384 -18.98 13.56 -14.93
C VAL A 384 -19.30 15.05 -14.72
N GLU A 385 -20.43 15.31 -14.06
CA GLU A 385 -20.96 16.69 -13.85
C GLU A 385 -19.98 17.50 -13.02
N ALA A 386 -19.35 16.89 -11.99
CA ALA A 386 -18.39 17.63 -11.14
C ALA A 386 -17.28 18.20 -12.02
N TYR A 387 -16.69 17.38 -12.89
CA TYR A 387 -15.55 17.79 -13.74
C TYR A 387 -16.02 18.71 -14.87
N ASP A 388 -17.24 18.49 -15.36
CA ASP A 388 -17.90 19.43 -16.32
C ASP A 388 -17.89 20.83 -15.74
N ALA A 389 -18.24 20.98 -14.46
CA ALA A 389 -18.31 22.29 -13.78
C ALA A 389 -16.91 22.85 -13.51
N ASN A 390 -15.91 21.99 -13.32
CA ASN A 390 -14.55 22.46 -12.96
C ASN A 390 -13.54 21.39 -13.37
N ALA A 391 -12.93 21.55 -14.55
CA ALA A 391 -11.91 20.62 -15.09
C ALA A 391 -10.73 20.43 -14.08
N GLU A 392 -10.45 21.40 -13.23
CA GLU A 392 -9.29 21.41 -12.30
C GLU A 392 -9.80 21.21 -10.86
N LEU A 393 -10.98 20.64 -10.68
CA LEU A 393 -11.54 20.38 -9.33
C LEU A 393 -10.48 19.67 -8.47
N GLU A 394 -10.20 20.20 -7.29
CA GLU A 394 -9.07 19.70 -6.46
C GLU A 394 -9.44 18.36 -5.77
N SER A 395 -10.71 18.12 -5.47
CA SER A 395 -11.21 16.87 -4.86
C SER A 395 -12.67 16.73 -5.23
N LEU A 396 -13.15 15.51 -5.49
CA LEU A 396 -14.61 15.33 -5.67
C LEU A 396 -15.37 15.85 -4.44
N LEU A 397 -14.77 15.81 -3.26
CA LEU A 397 -15.40 16.28 -2.01
C LEU A 397 -15.83 17.77 -2.13
N LEU A 398 -15.16 18.56 -2.98
CA LEU A 398 -15.38 20.02 -3.10
C LEU A 398 -16.35 20.34 -4.23
N ASP A 399 -16.79 19.37 -4.98
CA ASP A 399 -17.84 19.61 -5.99
C ASP A 399 -19.06 20.19 -5.29
N PRO A 400 -19.71 21.25 -5.80
CA PRO A 400 -20.87 21.77 -5.07
C PRO A 400 -21.96 20.76 -4.72
N TYR A 401 -22.32 19.84 -5.61
CA TYR A 401 -23.38 18.85 -5.35
C TYR A 401 -22.95 17.94 -4.19
N PHE A 402 -21.75 17.41 -4.32
CA PHE A 402 -21.20 16.44 -3.33
C PHE A 402 -20.95 17.13 -1.99
N LYS A 403 -20.45 18.38 -2.00
CA LYS A 403 -20.20 19.11 -0.73
C LYS A 403 -21.55 19.36 -0.06
N SER A 404 -22.58 19.67 -0.83
CA SER A 404 -23.95 19.84 -0.29
C SER A 404 -24.41 18.49 0.31
N GLU A 405 -24.19 17.39 -0.39
CA GLU A 405 -24.54 16.05 0.16
C GLU A 405 -23.79 15.82 1.47
N LEU A 406 -22.48 16.11 1.51
CA LEU A 406 -21.68 15.91 2.74
C LEU A 406 -22.30 16.66 3.92
N GLY A 407 -22.91 17.84 3.72
CA GLY A 407 -23.57 18.60 4.82
C GLY A 407 -24.66 17.77 5.50
N ASP A 408 -25.33 16.86 4.79
CA ASP A 408 -26.44 15.98 5.25
C ASP A 408 -25.89 14.63 5.75
N LEU A 409 -24.67 14.24 5.38
CA LEU A 409 -24.08 12.91 5.71
C LEU A 409 -23.23 12.98 7.01
N ILE A 410 -22.58 14.10 7.27
CA ILE A 410 -21.47 14.23 8.26
C ILE A 410 -21.95 13.89 9.67
N ASP A 411 -23.14 14.36 10.09
CA ASP A 411 -23.56 14.04 11.49
C ASP A 411 -23.74 12.52 11.60
N SER A 412 -24.45 11.90 10.65
CA SER A 412 -24.65 10.43 10.59
C SER A 412 -23.30 9.70 10.65
N TRP A 413 -22.35 10.15 9.85
CA TRP A 413 -21.05 9.48 9.65
C TRP A 413 -20.33 9.45 10.99
N ARG A 414 -20.30 10.59 11.71
CA ARG A 414 -19.64 10.64 13.04
C ARG A 414 -20.36 9.68 14.01
N ARG A 415 -21.68 9.67 14.02
CA ARG A 415 -22.45 8.75 14.90
C ARG A 415 -22.07 7.30 14.59
N VAL A 416 -21.93 6.93 13.32
CA VAL A 416 -21.65 5.52 12.98
C VAL A 416 -20.26 5.12 13.50
N ILE A 417 -19.23 5.95 13.31
CA ILE A 417 -17.87 5.63 13.82
C ILE A 417 -17.94 5.52 15.36
N VAL A 418 -18.62 6.44 16.03
CA VAL A 418 -18.74 6.42 17.52
C VAL A 418 -19.41 5.10 17.92
N THR A 419 -20.53 4.79 17.31
CA THR A 419 -21.38 3.64 17.74
C THR A 419 -20.67 2.32 17.46
N ALA A 420 -20.09 2.17 16.26
CA ALA A 420 -19.36 0.94 15.90
C ALA A 420 -18.26 0.74 16.92
N THR A 421 -17.52 1.80 17.25
CA THR A 421 -16.41 1.76 18.22
C THR A 421 -16.94 1.26 19.59
N GLN A 422 -18.05 1.83 20.08
CA GLN A 422 -18.62 1.51 21.42
C GLN A 422 -19.15 0.07 21.42
N LEU A 423 -19.44 -0.52 20.26
CA LEU A 423 -19.99 -1.90 20.15
C LEU A 423 -18.88 -2.89 19.77
N GLY A 424 -17.66 -2.41 19.51
CA GLY A 424 -16.51 -3.29 19.20
C GLY A 424 -16.60 -3.91 17.81
N LEU A 425 -17.23 -3.20 16.89
CA LEU A 425 -17.42 -3.66 15.49
C LEU A 425 -16.37 -2.99 14.59
N PRO A 426 -15.68 -3.77 13.74
CA PRO A 426 -14.73 -3.17 12.78
C PRO A 426 -15.40 -2.47 11.59
N ILE A 427 -14.84 -1.30 11.25
CA ILE A 427 -15.32 -0.42 10.17
C ILE A 427 -14.10 0.24 9.53
N PRO A 428 -13.15 -0.49 8.94
CA PRO A 428 -11.89 0.14 8.52
C PRO A 428 -12.02 1.24 7.47
N VAL A 429 -12.84 1.03 6.43
CA VAL A 429 -13.01 2.12 5.45
C VAL A 429 -13.86 3.27 6.01
N PHE A 430 -14.94 3.00 6.74
CA PHE A 430 -15.76 4.08 7.32
C PHE A 430 -14.87 4.97 8.20
N ALA A 431 -14.08 4.38 9.12
CA ALA A 431 -13.27 5.17 10.08
C ALA A 431 -12.08 5.82 9.40
N SER A 432 -11.35 5.12 8.54
CA SER A 432 -10.20 5.73 7.86
C SER A 432 -10.65 6.88 6.94
N SER A 433 -11.82 6.76 6.30
CA SER A 433 -12.38 7.80 5.42
C SER A 433 -12.68 9.06 6.23
N LEU A 434 -13.18 8.89 7.44
CA LEU A 434 -13.48 10.06 8.30
C LEU A 434 -12.18 10.70 8.80
N SER A 435 -11.17 9.92 9.20
CA SER A 435 -9.87 10.54 9.54
C SER A 435 -9.30 11.29 8.34
N TYR A 436 -9.33 10.72 7.14
CA TYR A 436 -8.85 11.43 5.92
C TYR A 436 -9.58 12.79 5.76
N TYR A 437 -10.90 12.77 5.83
CA TYR A 437 -11.80 13.94 5.70
C TYR A 437 -11.40 14.99 6.73
N ASP A 438 -11.29 14.56 7.99
CA ASP A 438 -10.90 15.47 9.09
C ASP A 438 -9.46 15.94 8.92
N SER A 439 -8.62 15.23 8.17
CA SER A 439 -7.24 15.64 7.83
C SER A 439 -7.27 16.75 6.77
N LEU A 440 -8.08 16.64 5.72
CA LEU A 440 -8.27 17.77 4.75
C LEU A 440 -8.86 19.00 5.45
N ARG A 441 -9.71 18.83 6.47
CA ARG A 441 -10.33 19.96 7.20
C ARG A 441 -9.26 20.67 8.05
N ALA A 442 -8.23 19.97 8.53
CA ALA A 442 -7.25 20.51 9.49
C ALA A 442 -6.48 21.68 8.86
N GLU A 443 -6.33 22.75 9.65
CA GLU A 443 -5.44 23.88 9.34
C GLU A 443 -4.01 23.36 9.41
N ARG A 444 -3.64 22.71 10.51
CA ARG A 444 -2.25 22.28 10.77
C ARG A 444 -2.25 20.77 11.08
N LEU A 445 -1.39 20.02 10.39
CA LEU A 445 -1.26 18.57 10.62
C LEU A 445 0.05 18.30 11.32
N PRO A 446 0.12 17.14 11.98
CA PRO A 446 1.30 16.72 12.71
C PRO A 446 2.55 16.47 11.86
N ALA A 447 2.37 16.49 10.55
CA ALA A 447 3.49 16.54 9.59
C ALA A 447 4.52 17.60 10.01
N ALA A 448 4.12 18.71 10.62
CA ALA A 448 5.09 19.72 11.15
C ALA A 448 5.98 19.07 12.22
N LEU A 449 5.41 18.29 13.13
CA LEU A 449 6.21 17.58 14.16
C LEU A 449 7.14 16.57 13.51
N ILE A 450 6.66 15.78 12.54
CA ILE A 450 7.52 14.84 11.76
C ILE A 450 8.71 15.58 11.13
N GLN A 451 8.49 16.73 10.48
CA GLN A 451 9.61 17.55 9.93
C GLN A 451 10.62 17.91 11.04
N GLY A 452 10.14 18.31 12.21
CA GLY A 452 11.01 18.59 13.38
C GLY A 452 11.81 17.39 13.87
N GLN A 453 11.14 16.26 14.12
CA GLN A 453 11.81 14.97 14.45
C GLN A 453 12.91 14.63 13.42
N ARG A 454 12.62 14.71 12.14
CA ARG A 454 13.54 14.26 11.07
C ARG A 454 14.71 15.24 11.05
N ASP A 455 14.48 16.51 11.38
CA ASP A 455 15.60 17.48 11.44
C ASP A 455 16.47 17.17 12.65
N PHE A 456 15.86 16.79 13.78
CA PHE A 456 16.59 16.45 15.01
C PHE A 456 17.47 15.25 14.74
N PHE A 457 16.94 14.11 14.26
CA PHE A 457 17.71 12.84 14.22
C PHE A 457 18.61 12.80 12.97
N GLY A 458 18.28 13.49 11.89
CA GLY A 458 18.99 13.31 10.59
C GLY A 458 19.34 14.62 9.90
N ALA A 459 19.13 15.76 10.56
CA ALA A 459 19.44 17.08 9.96
C ALA A 459 18.75 17.23 8.61
N HIS A 460 17.54 16.66 8.41
CA HIS A 460 16.84 16.57 7.10
C HIS A 460 16.30 17.93 6.63
N THR A 461 16.34 18.95 7.48
CA THR A 461 15.95 20.35 7.18
C THR A 461 14.43 20.48 7.05
N TYR A 462 13.93 21.70 7.17
CA TYR A 462 12.50 22.01 7.02
C TYR A 462 12.32 23.35 6.32
N LYS A 463 11.09 23.62 5.87
CA LYS A 463 10.66 24.91 5.30
C LYS A 463 9.90 25.67 6.36
N ARG A 464 9.82 26.99 6.22
CA ARG A 464 9.17 27.90 7.19
C ARG A 464 7.96 28.51 6.50
N ILE A 465 6.89 28.77 7.23
CA ILE A 465 5.65 29.37 6.67
C ILE A 465 5.89 30.85 6.32
N ASP A 466 6.94 31.47 6.88
CA ASP A 466 7.06 32.95 6.90
C ASP A 466 8.27 33.43 6.10
N LYS A 467 9.04 32.55 5.44
CA LYS A 467 10.11 32.99 4.52
C LYS A 467 10.64 31.82 3.73
N ASP A 468 11.37 32.12 2.66
CA ASP A 468 11.75 31.12 1.63
C ASP A 468 13.01 30.37 2.07
N GLY A 469 13.17 29.19 1.50
CA GLY A 469 14.37 28.34 1.63
C GLY A 469 14.19 27.22 2.63
N SER A 470 15.26 26.45 2.83
CA SER A 470 15.35 25.35 3.81
C SER A 470 16.14 25.81 5.04
N PHE A 471 15.78 25.30 6.21
CA PHE A 471 16.41 25.63 7.51
C PHE A 471 16.73 24.37 8.31
N HIS A 472 17.68 24.50 9.23
CA HIS A 472 18.19 23.43 10.13
C HIS A 472 18.40 24.03 11.50
N THR A 473 17.92 23.35 12.53
CA THR A 473 18.18 23.75 13.93
C THR A 473 19.33 22.86 14.41
N GLU A 474 20.31 23.48 15.08
CA GLU A 474 21.57 22.82 15.52
C GLU A 474 21.30 22.13 16.85
N TRP A 475 20.55 21.03 16.76
CA TRP A 475 19.98 20.26 17.90
C TRP A 475 21.09 19.79 18.84
N SER A 476 22.19 19.26 18.31
CA SER A 476 23.31 18.73 19.13
C SER A 476 24.16 19.86 19.73
N GLY A 477 23.95 21.11 19.27
CA GLY A 477 24.79 22.28 19.62
C GLY A 477 23.99 23.32 20.38
N ASP A 478 23.94 24.54 19.87
CA ASP A 478 23.32 25.71 20.55
C ASP A 478 21.83 25.83 20.15
N ARG A 479 21.31 24.95 19.29
CA ARG A 479 19.87 24.97 18.92
C ARG A 479 19.50 26.33 18.34
N SER A 480 20.44 26.98 17.67
CA SER A 480 20.19 28.15 16.81
C SER A 480 19.71 27.59 15.47
N GLU A 481 19.07 28.40 14.64
CA GLU A 481 18.66 28.01 13.29
C GLU A 481 19.58 28.63 12.25
N VAL A 482 19.93 27.86 11.22
CA VAL A 482 20.74 28.31 10.05
C VAL A 482 19.95 28.02 8.77
N GLU A 483 20.22 28.73 7.69
CA GLU A 483 19.76 28.33 6.34
C GLU A 483 20.59 27.12 5.89
N ALA A 484 19.99 26.20 5.11
CA ALA A 484 20.61 24.96 4.61
C ALA A 484 20.90 25.08 3.12
N ASN B 6 50.49 -5.08 7.12
CA ASN B 6 50.43 -4.08 6.00
C ASN B 6 49.12 -4.23 5.20
N LEU B 7 48.23 -5.17 5.58
CA LEU B 7 46.94 -5.48 4.88
C LEU B 7 45.74 -5.02 5.74
N ALA B 8 44.63 -4.62 5.12
CA ALA B 8 43.39 -4.17 5.81
C ALA B 8 42.47 -5.38 6.00
N GLN B 9 41.74 -5.47 7.11
CA GLN B 9 40.77 -6.56 7.34
C GLN B 9 39.43 -6.20 6.67
N ILE B 10 39.18 -4.93 6.38
CA ILE B 10 37.90 -4.43 5.80
C ILE B 10 38.21 -3.23 4.91
N GLY B 11 37.43 -3.00 3.87
CA GLY B 11 37.50 -1.80 3.04
C GLY B 11 36.14 -1.17 2.76
N VAL B 12 36.16 0.12 2.44
CA VAL B 12 34.95 0.86 2.07
C VAL B 12 35.23 1.49 0.73
N VAL B 13 34.33 1.27 -0.19
CA VAL B 13 34.28 2.00 -1.49
C VAL B 13 33.14 2.97 -1.39
N GLY B 14 33.41 4.26 -1.62
CA GLY B 14 32.39 5.29 -1.63
C GLY B 14 32.58 6.12 -0.38
N LEU B 15 33.20 7.28 -0.53
CA LEU B 15 33.60 8.11 0.63
C LEU B 15 32.83 9.42 0.60
N ALA B 16 31.55 9.41 0.21
CA ALA B 16 30.63 10.48 0.64
C ALA B 16 30.43 10.33 2.15
N VAL B 17 29.54 11.09 2.73
CA VAL B 17 29.52 11.19 4.22
C VAL B 17 29.26 9.80 4.81
N MET B 18 28.33 9.02 4.24
CA MET B 18 27.99 7.71 4.89
C MET B 18 29.20 6.77 4.86
N GLY B 19 29.83 6.55 3.72
CA GLY B 19 30.97 5.63 3.62
C GLY B 19 32.17 6.13 4.42
N SER B 20 32.42 7.44 4.40
CA SER B 20 33.53 8.05 5.18
C SER B 20 33.26 7.82 6.67
N ASN B 21 32.04 8.13 7.11
CA ASN B 21 31.67 7.92 8.53
C ASN B 21 31.86 6.46 8.90
N LEU B 22 31.47 5.54 8.04
CA LEU B 22 31.59 4.10 8.32
C LEU B 22 33.07 3.70 8.42
N ALA B 23 33.90 4.16 7.49
CA ALA B 23 35.34 3.87 7.47
C ALA B 23 35.96 4.36 8.79
N ARG B 24 35.60 5.57 9.20
CA ARG B 24 36.10 6.17 10.46
C ARG B 24 35.72 5.30 11.65
N ASN B 25 34.46 4.84 11.67
CA ASN B 25 33.98 3.93 12.74
C ASN B 25 34.88 2.70 12.82
N PHE B 26 35.14 2.03 11.70
CA PHE B 26 36.00 0.83 11.65
C PHE B 26 37.37 1.18 12.22
N ALA B 27 37.88 2.33 11.80
CA ALA B 27 39.27 2.77 12.15
C ALA B 27 39.36 3.16 13.63
N ARG B 28 38.35 3.85 14.18
CA ARG B 28 38.30 4.24 15.62
C ARG B 28 38.28 2.99 16.49
N ASN B 29 37.70 1.91 15.99
CA ASN B 29 37.49 0.66 16.74
C ASN B 29 38.63 -0.33 16.48
N GLY B 30 39.77 0.14 15.96
CA GLY B 30 41.04 -0.64 16.01
C GLY B 30 41.23 -1.51 14.77
N ASN B 31 40.39 -1.40 13.74
CA ASN B 31 40.54 -2.16 12.49
C ASN B 31 41.48 -1.37 11.57
N THR B 32 42.32 -2.04 10.77
CA THR B 32 42.95 -1.44 9.57
C THR B 32 41.93 -1.44 8.42
N VAL B 33 41.70 -0.28 7.83
CA VAL B 33 40.60 -0.01 6.86
C VAL B 33 41.17 0.53 5.56
N ALA B 34 41.03 -0.28 4.49
CA ALA B 34 41.25 0.18 3.10
C ALA B 34 40.09 1.11 2.69
N VAL B 35 40.40 2.22 2.02
CA VAL B 35 39.41 3.18 1.52
C VAL B 35 39.75 3.50 0.08
N TYR B 36 38.70 3.63 -0.74
CA TYR B 36 38.75 4.00 -2.16
C TYR B 36 37.47 4.76 -2.51
N ASN B 37 37.62 5.75 -3.36
CA ASN B 37 36.50 6.50 -3.96
C ASN B 37 36.83 6.68 -5.44
N ARG B 38 35.82 6.64 -6.31
CA ARG B 38 36.06 6.83 -7.78
C ARG B 38 36.81 8.17 -7.94
N SER B 39 36.35 9.26 -7.32
CA SER B 39 37.08 10.56 -7.32
C SER B 39 38.07 10.54 -6.16
N THR B 40 39.39 10.60 -6.43
CA THR B 40 40.44 10.43 -5.40
C THR B 40 40.44 11.59 -4.37
N ASP B 41 39.98 12.77 -4.74
CA ASP B 41 39.95 13.98 -3.86
C ASP B 41 39.17 13.64 -2.57
N LYS B 42 38.11 12.81 -2.62
CA LYS B 42 37.35 12.45 -1.40
C LYS B 42 38.24 11.57 -0.52
N THR B 43 39.03 10.69 -1.12
CA THR B 43 39.95 9.81 -0.36
C THR B 43 41.02 10.68 0.32
N ASP B 44 41.53 11.65 -0.43
CA ASP B 44 42.61 12.54 0.08
C ASP B 44 42.08 13.32 1.29
N LYS B 45 40.87 13.88 1.16
CA LYS B 45 40.17 14.64 2.25
C LYS B 45 39.97 13.79 3.51
N LEU B 46 39.53 12.54 3.38
CA LEU B 46 39.35 11.64 4.53
C LEU B 46 40.70 11.41 5.22
N ILE B 47 41.75 11.06 4.46
CA ILE B 47 43.09 10.85 5.05
C ILE B 47 43.52 12.12 5.80
N ALA B 48 43.41 13.29 5.17
CA ALA B 48 43.89 14.62 5.65
C ALA B 48 43.15 15.05 6.94
N ASP B 49 41.83 14.95 6.94
CA ASP B 49 40.99 15.43 8.06
C ASP B 49 40.73 14.35 9.11
N HIS B 50 40.84 13.04 8.83
CA HIS B 50 40.44 12.01 9.83
C HIS B 50 41.46 10.89 9.99
N GLY B 51 42.64 11.02 9.36
CA GLY B 51 43.67 9.97 9.39
C GLY B 51 44.17 9.62 10.79
N SER B 52 44.12 10.55 11.75
CA SER B 52 44.52 10.28 13.15
C SER B 52 43.51 9.37 13.85
N GLU B 53 42.34 9.10 13.27
CA GLU B 53 41.30 8.32 13.98
C GLU B 53 41.65 6.85 14.01
N GLY B 54 42.53 6.40 13.12
CA GLY B 54 42.99 5.01 13.16
C GLY B 54 43.84 4.72 11.94
N ASN B 55 43.93 3.45 11.57
CA ASN B 55 44.85 2.98 10.48
C ASN B 55 44.07 2.83 9.18
N PHE B 56 44.22 3.78 8.28
CA PHE B 56 43.61 3.75 6.93
C PHE B 56 44.66 3.38 5.88
N ILE B 57 44.29 2.56 4.89
CA ILE B 57 45.08 2.32 3.64
C ILE B 57 44.30 2.89 2.45
N PRO B 58 44.67 4.09 1.97
CA PRO B 58 44.03 4.69 0.80
C PRO B 58 44.56 4.09 -0.51
N SER B 59 43.70 3.94 -1.52
CA SER B 59 44.06 3.52 -2.90
C SER B 59 43.33 4.42 -3.92
N ALA B 60 43.99 4.67 -5.06
CA ALA B 60 43.52 5.52 -6.17
C ALA B 60 42.73 4.67 -7.18
N THR B 61 42.97 3.36 -7.20
CA THR B 61 42.36 2.41 -8.18
C THR B 61 41.69 1.24 -7.46
N VAL B 62 40.65 0.65 -8.07
CA VAL B 62 40.02 -0.58 -7.51
C VAL B 62 41.09 -1.67 -7.33
N GLU B 63 41.97 -1.86 -8.33
CA GLU B 63 42.98 -2.96 -8.29
C GLU B 63 43.84 -2.77 -7.04
N GLU B 64 44.30 -1.54 -6.77
CA GLU B 64 45.16 -1.26 -5.58
C GLU B 64 44.34 -1.56 -4.29
N PHE B 65 43.10 -1.10 -4.30
CA PHE B 65 42.17 -1.29 -3.15
C PHE B 65 42.08 -2.79 -2.84
N VAL B 66 41.75 -3.61 -3.84
CA VAL B 66 41.52 -5.07 -3.61
C VAL B 66 42.83 -5.71 -3.14
N ALA B 67 43.96 -5.32 -3.73
CA ALA B 67 45.30 -5.83 -3.37
C ALA B 67 45.58 -5.53 -1.88
N SER B 68 45.01 -4.45 -1.31
CA SER B 68 45.28 -4.02 0.10
C SER B 68 44.47 -4.84 1.12
N LEU B 69 43.52 -5.68 0.69
CA LEU B 69 42.64 -6.42 1.64
C LEU B 69 43.17 -7.82 1.93
N GLU B 70 43.21 -8.19 3.21
CA GLU B 70 43.45 -9.58 3.70
C GLU B 70 42.36 -10.53 3.21
N LYS B 71 42.76 -11.65 2.62
CA LYS B 71 41.84 -12.73 2.18
C LYS B 71 41.25 -13.40 3.41
N PRO B 72 39.96 -13.83 3.39
CA PRO B 72 39.05 -13.57 2.27
C PRO B 72 38.65 -12.08 2.29
N ARG B 73 38.71 -11.38 1.16
CA ARG B 73 38.66 -9.90 1.09
C ARG B 73 37.23 -9.42 1.37
N ARG B 74 37.09 -8.39 2.19
CA ARG B 74 35.77 -7.88 2.62
C ARG B 74 35.72 -6.42 2.20
N ALA B 75 34.91 -6.13 1.19
CA ALA B 75 34.77 -4.77 0.65
C ALA B 75 33.28 -4.35 0.81
N ILE B 76 33.01 -3.31 1.59
CA ILE B 76 31.66 -2.72 1.68
C ILE B 76 31.53 -1.60 0.69
N ILE B 77 30.45 -1.63 -0.09
CA ILE B 77 30.09 -0.55 -1.05
C ILE B 77 29.12 0.40 -0.37
N MET B 78 29.45 1.68 -0.44
CA MET B 78 28.62 2.79 0.10
C MET B 78 28.50 3.86 -0.98
N VAL B 79 27.77 3.55 -2.04
CA VAL B 79 27.57 4.49 -3.17
C VAL B 79 26.06 4.66 -3.41
N GLN B 80 25.71 5.43 -4.44
CA GLN B 80 24.31 5.68 -4.87
C GLN B 80 23.65 4.31 -5.14
N ALA B 81 22.47 4.10 -4.62
CA ALA B 81 21.62 2.91 -4.87
C ALA B 81 21.33 2.78 -6.37
N GLY B 82 21.17 1.55 -6.84
CA GLY B 82 20.79 1.20 -8.23
C GLY B 82 22.01 1.02 -9.12
N ASN B 83 22.01 1.68 -10.28
CA ASN B 83 23.06 1.49 -11.32
C ASN B 83 24.46 1.73 -10.73
N ALA B 84 24.67 2.81 -9.96
CA ALA B 84 26.02 3.11 -9.41
C ALA B 84 26.51 1.93 -8.55
N THR B 85 25.66 1.29 -7.72
CA THR B 85 26.13 0.15 -6.89
C THR B 85 26.40 -1.06 -7.77
N ASP B 86 25.62 -1.30 -8.82
CA ASP B 86 25.89 -2.45 -9.73
C ASP B 86 27.26 -2.21 -10.43
N ALA B 87 27.57 -0.99 -10.81
CA ALA B 87 28.86 -0.62 -11.46
C ALA B 87 30.04 -1.04 -10.56
N VAL B 88 29.96 -0.70 -9.27
CA VAL B 88 31.04 -0.99 -8.30
C VAL B 88 31.09 -2.48 -8.01
N ILE B 89 29.93 -3.15 -7.84
CA ILE B 89 29.91 -4.64 -7.69
C ILE B 89 30.69 -5.24 -8.88
N ASN B 90 30.45 -4.78 -10.10
CA ASN B 90 31.15 -5.39 -11.28
C ASN B 90 32.65 -5.11 -11.19
N GLN B 91 33.05 -3.89 -10.80
CA GLN B 91 34.49 -3.51 -10.79
C GLN B 91 35.20 -4.37 -9.75
N LEU B 92 34.60 -4.56 -8.56
CA LEU B 92 35.18 -5.39 -7.49
C LEU B 92 35.20 -6.85 -7.95
N ALA B 93 34.09 -7.33 -8.55
CA ALA B 93 33.92 -8.73 -8.98
C ALA B 93 35.11 -9.09 -9.89
N ASP B 94 35.38 -8.21 -10.88
CA ASP B 94 36.44 -8.35 -11.92
C ASP B 94 37.85 -8.45 -11.30
N ALA B 95 38.08 -7.85 -10.11
CA ALA B 95 39.41 -7.70 -9.50
C ALA B 95 39.62 -8.74 -8.43
N MET B 96 38.56 -9.36 -7.94
CA MET B 96 38.66 -10.21 -6.73
C MET B 96 38.98 -11.65 -7.12
N ASP B 97 39.40 -12.43 -6.13
CA ASP B 97 39.58 -13.89 -6.24
C ASP B 97 38.36 -14.64 -5.70
N GLU B 98 38.24 -15.90 -6.10
CA GLU B 98 37.30 -16.89 -5.53
C GLU B 98 37.31 -16.80 -4.00
N GLY B 99 36.12 -16.81 -3.37
CA GLY B 99 35.98 -16.81 -1.89
C GLY B 99 35.97 -15.42 -1.27
N ASP B 100 36.18 -14.40 -2.09
CA ASP B 100 36.14 -12.99 -1.67
C ASP B 100 34.66 -12.54 -1.50
N ILE B 101 34.44 -11.47 -0.73
CA ILE B 101 33.12 -11.08 -0.18
C ILE B 101 32.84 -9.62 -0.57
N ILE B 102 31.82 -9.40 -1.39
CA ILE B 102 31.36 -8.05 -1.75
C ILE B 102 30.14 -7.79 -0.84
N ILE B 103 30.14 -6.63 -0.16
CA ILE B 103 29.04 -6.21 0.75
C ILE B 103 28.47 -4.90 0.20
N ASP B 104 27.18 -4.86 -0.09
CA ASP B 104 26.46 -3.60 -0.37
C ASP B 104 25.86 -3.11 0.95
N GLY B 105 26.37 -2.00 1.49
CA GLY B 105 25.86 -1.39 2.74
C GLY B 105 24.85 -0.29 2.47
N GLY B 106 24.57 -0.01 1.20
CA GLY B 106 23.61 1.01 0.79
C GLY B 106 22.19 0.57 1.09
N ASN B 107 21.24 1.47 0.88
CA ASN B 107 19.80 1.21 1.17
C ASN B 107 19.18 0.57 -0.06
N ALA B 108 19.57 -0.66 -0.35
CA ALA B 108 19.14 -1.45 -1.53
C ALA B 108 17.71 -1.93 -1.39
N LEU B 109 17.01 -1.98 -2.50
CA LEU B 109 15.79 -2.79 -2.67
C LEU B 109 16.16 -4.25 -2.45
N TYR B 110 15.47 -4.95 -1.59
CA TYR B 110 15.92 -6.33 -1.24
C TYR B 110 15.88 -7.21 -2.50
N THR B 111 14.99 -6.94 -3.45
CA THR B 111 14.89 -7.74 -4.71
C THR B 111 16.15 -7.50 -5.58
N ASP B 112 16.75 -6.31 -5.54
CA ASP B 112 18.09 -6.01 -6.12
C ASP B 112 19.15 -6.91 -5.46
N THR B 113 19.17 -7.00 -4.12
CA THR B 113 20.13 -7.85 -3.38
C THR B 113 19.93 -9.32 -3.76
N ILE B 114 18.68 -9.78 -3.91
CA ILE B 114 18.48 -11.21 -4.29
C ILE B 114 19.17 -11.46 -5.63
N ARG B 115 18.91 -10.60 -6.60
CA ARG B 115 19.40 -10.77 -8.00
C ARG B 115 20.93 -10.72 -7.99
N ARG B 116 21.52 -9.77 -7.25
CA ARG B 116 22.99 -9.63 -7.13
C ARG B 116 23.58 -10.86 -6.46
N GLU B 117 22.95 -11.41 -5.42
CA GLU B 117 23.55 -12.57 -4.72
C GLU B 117 23.60 -13.77 -5.68
N LYS B 118 22.59 -13.90 -6.54
CA LYS B 118 22.54 -14.99 -7.56
C LYS B 118 23.73 -14.82 -8.53
N GLU B 119 23.87 -13.65 -9.12
CA GLU B 119 24.91 -13.36 -10.16
C GLU B 119 26.29 -13.51 -9.55
N ILE B 120 26.49 -13.04 -8.32
CA ILE B 120 27.82 -13.02 -7.66
C ILE B 120 28.17 -14.40 -7.08
N SER B 121 27.22 -15.13 -6.48
CA SER B 121 27.46 -16.48 -5.94
C SER B 121 27.91 -17.40 -7.11
N ALA B 122 27.36 -17.16 -8.30
CA ALA B 122 27.65 -17.87 -9.58
C ALA B 122 29.10 -17.61 -9.99
N ARG B 123 29.55 -16.34 -9.97
CA ARG B 123 30.95 -15.90 -10.29
C ARG B 123 31.98 -16.51 -9.33
N GLY B 124 31.59 -17.36 -8.35
CA GLY B 124 32.48 -17.92 -7.31
C GLY B 124 32.77 -17.00 -6.11
N LEU B 125 32.14 -15.83 -6.05
CA LEU B 125 32.30 -14.84 -4.94
C LEU B 125 31.16 -15.00 -3.92
N HIS B 126 31.23 -14.30 -2.78
CA HIS B 126 30.10 -14.20 -1.80
C HIS B 126 29.51 -12.80 -1.81
N PHE B 127 28.18 -12.68 -1.76
CA PHE B 127 27.54 -11.35 -1.75
C PHE B 127 26.72 -11.22 -0.46
N VAL B 128 26.92 -10.07 0.21
CA VAL B 128 26.21 -9.66 1.46
C VAL B 128 25.52 -8.30 1.20
N GLY B 129 24.20 -8.30 1.37
CA GLY B 129 23.39 -7.10 1.44
C GLY B 129 23.21 -6.74 2.89
N ALA B 130 23.76 -5.61 3.30
CA ALA B 130 23.83 -5.22 4.74
C ALA B 130 22.98 -3.97 4.95
N GLY B 131 21.88 -4.10 5.66
CA GLY B 131 21.12 -2.89 6.02
C GLY B 131 21.85 -2.21 7.15
N ILE B 132 22.05 -0.91 7.07
CA ILE B 132 22.75 -0.13 8.13
C ILE B 132 21.80 0.98 8.61
N SER B 133 21.38 0.92 9.87
CA SER B 133 20.37 1.85 10.42
C SER B 133 21.08 3.09 10.98
N GLY B 134 20.34 4.14 11.30
CA GLY B 134 20.87 5.24 12.10
C GLY B 134 21.39 6.37 11.22
N GLY B 135 21.38 6.22 9.91
CA GLY B 135 21.82 7.29 8.98
C GLY B 135 23.28 7.66 9.21
N GLU B 136 23.68 8.91 8.91
CA GLU B 136 25.10 9.36 9.02
C GLU B 136 25.61 9.23 10.45
N GLU B 137 24.81 9.63 11.44
CA GLU B 137 25.25 9.59 12.85
C GLU B 137 25.50 8.13 13.26
N GLY B 138 24.59 7.21 12.92
CA GLY B 138 24.80 5.78 13.19
C GLY B 138 26.05 5.23 12.48
N ALA B 139 26.28 5.58 11.23
CA ALA B 139 27.43 5.05 10.48
C ALA B 139 28.71 5.42 11.25
N LEU B 140 28.76 6.64 11.81
CA LEU B 140 29.96 7.14 12.53
C LEU B 140 30.06 6.58 13.94
N ASN B 141 28.96 6.55 14.70
CA ASN B 141 29.05 6.32 16.17
C ASN B 141 28.39 5.02 16.59
N GLY B 142 27.84 4.19 15.69
CA GLY B 142 27.33 2.89 16.15
C GLY B 142 25.94 2.60 15.61
N PRO B 143 25.86 1.90 14.47
CA PRO B 143 24.58 1.59 13.84
C PRO B 143 24.10 0.22 14.29
N SER B 144 22.85 -0.09 13.89
CA SER B 144 22.32 -1.47 13.87
C SER B 144 22.59 -2.04 12.47
N ILE B 145 23.12 -3.24 12.37
CA ILE B 145 23.56 -3.83 11.08
C ILE B 145 22.85 -5.14 10.83
N MET B 146 22.36 -5.27 9.60
CA MET B 146 21.44 -6.33 9.19
C MET B 146 22.01 -6.98 7.93
N PRO B 147 23.02 -7.88 8.08
CA PRO B 147 23.62 -8.55 6.93
C PRO B 147 22.84 -9.80 6.53
N GLY B 148 22.58 -9.89 5.23
CA GLY B 148 22.00 -11.08 4.59
C GLY B 148 22.97 -11.60 3.56
N GLY B 149 23.14 -12.91 3.49
CA GLY B 149 24.09 -13.52 2.53
C GLY B 149 24.42 -14.91 3.04
N PRO B 150 25.44 -15.60 2.49
CA PRO B 150 25.82 -16.92 2.99
C PRO B 150 26.26 -16.82 4.45
N ALA B 151 25.87 -17.80 5.25
CA ALA B 151 26.13 -17.88 6.71
C ALA B 151 27.64 -17.90 6.97
N LYS B 152 28.44 -18.50 6.07
CA LYS B 152 29.91 -18.61 6.26
C LYS B 152 30.61 -17.26 6.00
N SER B 153 29.99 -16.33 5.26
CA SER B 153 30.48 -14.93 5.12
C SER B 153 30.56 -14.27 6.51
N TYR B 154 29.65 -14.55 7.44
CA TYR B 154 29.60 -13.92 8.80
C TYR B 154 30.79 -14.40 9.63
N GLU B 155 31.40 -15.55 9.35
CA GLU B 155 32.56 -16.03 10.16
C GLU B 155 33.68 -14.98 10.09
N SER B 156 33.93 -14.41 8.92
CA SER B 156 35.04 -13.44 8.69
C SER B 156 34.56 -11.99 8.85
N LEU B 157 33.30 -11.70 8.52
CA LEU B 157 32.71 -10.32 8.52
C LEU B 157 32.17 -9.96 9.91
N GLY B 158 31.57 -10.92 10.62
CA GLY B 158 30.83 -10.67 11.88
C GLY B 158 31.67 -9.95 12.93
N PRO B 159 32.89 -10.43 13.24
CA PRO B 159 33.70 -9.82 14.29
C PRO B 159 33.99 -8.36 13.94
N LEU B 160 34.19 -8.03 12.65
CA LEU B 160 34.39 -6.64 12.16
C LEU B 160 33.11 -5.83 12.44
N LEU B 161 31.93 -6.36 12.05
CA LEU B 161 30.68 -5.57 12.21
C LEU B 161 30.39 -5.40 13.70
N GLU B 162 30.62 -6.43 14.52
CA GLU B 162 30.43 -6.37 16.00
C GLU B 162 31.36 -5.32 16.62
N SER B 163 32.53 -5.04 16.02
CA SER B 163 33.47 -4.01 16.52
C SER B 163 32.90 -2.60 16.36
N ILE B 164 32.00 -2.33 15.39
CA ILE B 164 31.47 -0.95 15.18
C ILE B 164 29.98 -0.81 15.58
N ALA B 165 29.26 -1.92 15.69
CA ALA B 165 27.79 -1.85 15.92
C ALA B 165 27.51 -1.11 17.24
N ALA B 166 26.40 -0.44 17.35
CA ALA B 166 25.82 -0.02 18.66
C ALA B 166 25.83 -1.23 19.59
N ASN B 167 26.11 -0.99 20.89
CA ASN B 167 26.15 -2.02 21.96
C ASN B 167 25.07 -1.71 22.97
N VAL B 168 24.25 -2.69 23.31
CA VAL B 168 23.18 -2.50 24.30
C VAL B 168 23.42 -3.52 25.38
N ASP B 169 23.73 -3.07 26.59
CA ASP B 169 23.98 -3.99 27.72
C ASP B 169 24.96 -5.10 27.27
N GLY B 170 26.03 -4.73 26.57
CA GLY B 170 27.12 -5.64 26.18
C GLY B 170 26.82 -6.42 24.92
N THR B 171 25.65 -6.25 24.31
CA THR B 171 25.19 -7.06 23.16
C THR B 171 25.28 -6.19 21.90
N PRO B 172 26.22 -6.52 20.97
CA PRO B 172 26.32 -5.78 19.70
C PRO B 172 25.03 -5.89 18.88
N CYS B 173 24.66 -4.78 18.25
CA CYS B 173 23.42 -4.62 17.42
C CYS B 173 23.72 -5.08 15.98
N VAL B 174 24.13 -6.34 15.87
CA VAL B 174 24.37 -7.03 14.58
C VAL B 174 24.35 -8.53 14.82
N THR B 175 23.74 -9.26 13.89
CA THR B 175 23.83 -10.71 13.80
C THR B 175 23.50 -11.11 12.36
N HIS B 176 23.82 -12.33 11.95
CA HIS B 176 23.49 -12.78 10.57
C HIS B 176 21.97 -12.94 10.45
N ILE B 177 21.33 -12.18 9.57
CA ILE B 177 19.84 -12.19 9.47
C ILE B 177 19.35 -13.46 8.78
N GLY B 178 19.96 -13.79 7.65
CA GLY B 178 19.51 -14.90 6.80
C GLY B 178 20.20 -14.84 5.46
N PRO B 179 19.79 -15.69 4.50
CA PRO B 179 20.38 -15.68 3.17
C PRO B 179 20.02 -14.46 2.31
N ASP B 180 20.82 -14.26 1.26
CA ASP B 180 20.58 -13.27 0.16
C ASP B 180 19.96 -11.95 0.68
N GLY B 181 18.73 -11.59 0.29
CA GLY B 181 18.09 -10.27 0.52
C GLY B 181 17.54 -10.06 1.94
N ALA B 182 17.67 -11.03 2.85
CA ALA B 182 16.95 -11.04 4.16
C ALA B 182 17.35 -9.79 4.98
N GLY B 183 18.58 -9.33 4.86
CA GLY B 183 19.07 -8.16 5.62
C GLY B 183 18.48 -6.86 5.12
N HIS B 184 18.51 -6.66 3.81
CA HIS B 184 17.89 -5.46 3.20
C HIS B 184 16.37 -5.53 3.40
N PHE B 185 15.79 -6.73 3.43
CA PHE B 185 14.33 -6.86 3.69
C PHE B 185 14.00 -6.36 5.09
N VAL B 186 14.68 -6.85 6.11
CA VAL B 186 14.35 -6.46 7.50
C VAL B 186 14.66 -4.99 7.72
N LYS B 187 15.65 -4.45 7.03
CA LYS B 187 15.96 -3.01 7.10
C LYS B 187 14.79 -2.19 6.53
N MET B 188 14.26 -2.62 5.39
CA MET B 188 13.10 -1.98 4.74
C MET B 188 11.90 -1.98 5.72
N VAL B 189 11.61 -3.09 6.37
CA VAL B 189 10.46 -3.16 7.31
C VAL B 189 10.74 -2.23 8.50
N HIS B 190 11.97 -2.22 9.01
CA HIS B 190 12.40 -1.27 10.07
C HIS B 190 12.04 0.17 9.66
N ASN B 191 12.34 0.56 8.43
CA ASN B 191 12.06 1.93 7.90
C ASN B 191 10.55 2.22 7.98
N GLY B 192 9.72 1.22 7.63
CA GLY B 192 8.26 1.43 7.66
C GLY B 192 7.79 1.56 9.10
N ILE B 193 8.34 0.72 9.99
CA ILE B 193 7.98 0.79 11.44
C ILE B 193 8.27 2.19 11.96
N GLU B 194 9.41 2.75 11.59
CA GLU B 194 9.79 4.13 11.97
C GLU B 194 8.67 5.10 11.59
N TYR B 195 8.13 5.01 10.37
CA TYR B 195 7.00 5.87 9.96
C TYR B 195 5.82 5.74 10.92
N ALA B 196 5.46 4.50 11.30
CA ALA B 196 4.30 4.28 12.17
C ALA B 196 4.60 4.88 13.56
N ASP B 197 5.79 4.64 14.11
CA ASP B 197 6.19 5.17 15.44
C ASP B 197 6.04 6.71 15.43
N MET B 198 6.49 7.36 14.37
CA MET B 198 6.43 8.84 14.30
C MET B 198 4.95 9.30 14.15
N GLN B 199 4.12 8.55 13.42
CA GLN B 199 2.74 8.98 13.15
C GLN B 199 1.93 8.83 14.44
N VAL B 200 2.11 7.75 15.20
CA VAL B 200 1.33 7.58 16.47
C VAL B 200 1.69 8.67 17.48
N ILE B 201 2.95 9.07 17.54
CA ILE B 201 3.38 10.27 18.32
C ILE B 201 2.71 11.53 17.78
N GLY B 202 2.69 11.71 16.46
CA GLY B 202 2.02 12.86 15.84
C GLY B 202 0.56 12.91 16.25
N GLU B 203 -0.15 11.78 16.24
CA GLU B 203 -1.59 11.75 16.58
C GLU B 203 -1.80 12.09 18.07
N ALA B 204 -0.98 11.54 18.96
CA ALA B 204 -1.04 11.89 20.40
C ALA B 204 -0.84 13.39 20.54
N TYR B 205 0.17 13.94 19.86
CA TYR B 205 0.43 15.39 19.91
C TYR B 205 -0.82 16.15 19.48
N HIS B 206 -1.44 15.70 18.37
CA HIS B 206 -2.59 16.41 17.79
C HIS B 206 -3.75 16.45 18.79
N LEU B 207 -4.02 15.32 19.43
CA LEU B 207 -5.12 15.30 20.44
C LEU B 207 -4.78 16.14 21.66
N LEU B 208 -3.54 16.13 22.11
CA LEU B 208 -3.19 16.87 23.34
C LEU B 208 -3.32 18.37 23.05
N ARG B 209 -2.94 18.77 21.84
CA ARG B 209 -3.03 20.18 21.45
C ARG B 209 -4.48 20.59 21.18
N TYR B 210 -5.22 19.87 20.34
CA TYR B 210 -6.50 20.39 19.77
C TYR B 210 -7.70 19.83 20.52
N ALA B 211 -7.58 18.78 21.31
CA ALA B 211 -8.64 18.31 22.23
C ALA B 211 -8.34 18.85 23.62
N ALA B 212 -7.15 18.65 24.18
CA ALA B 212 -6.86 19.02 25.58
C ALA B 212 -6.40 20.47 25.70
N GLY B 213 -6.18 21.17 24.60
CA GLY B 213 -5.84 22.61 24.56
C GLY B 213 -4.43 22.88 25.06
N MET B 214 -3.50 21.92 25.00
CA MET B 214 -2.15 22.09 25.57
C MET B 214 -1.22 22.70 24.52
N GLN B 215 -0.38 23.64 24.90
CA GLN B 215 0.60 24.23 23.96
C GLN B 215 1.80 23.30 23.90
N PRO B 216 2.61 23.42 22.84
CA PRO B 216 3.78 22.56 22.61
C PRO B 216 4.68 22.40 23.85
N ALA B 217 5.01 23.48 24.60
CA ALA B 217 5.91 23.34 25.78
C ALA B 217 5.28 22.44 26.84
N GLU B 218 3.97 22.51 27.06
CA GLU B 218 3.28 21.60 28.03
C GLU B 218 3.28 20.16 27.46
N ILE B 219 3.08 19.98 26.15
CA ILE B 219 3.01 18.61 25.54
C ILE B 219 4.38 17.95 25.72
N ALA B 220 5.45 18.71 25.55
CA ALA B 220 6.85 18.24 25.79
C ALA B 220 6.96 17.62 27.19
N GLU B 221 6.38 18.29 28.19
CA GLU B 221 6.49 17.84 29.60
C GLU B 221 5.70 16.52 29.78
N VAL B 222 4.52 16.39 29.19
CA VAL B 222 3.73 15.11 29.17
C VAL B 222 4.57 14.00 28.51
N PHE B 223 5.18 14.27 27.37
CA PHE B 223 5.99 13.24 26.65
C PHE B 223 7.16 12.79 27.53
N LYS B 224 7.78 13.74 28.23
CA LYS B 224 8.90 13.35 29.12
C LYS B 224 8.38 12.47 30.25
N GLU B 225 7.22 12.75 30.80
CA GLU B 225 6.61 11.87 31.83
C GLU B 225 6.30 10.51 31.24
N TRP B 226 5.72 10.46 30.05
CA TRP B 226 5.39 9.16 29.40
C TRP B 226 6.67 8.39 29.21
N ASN B 227 7.76 9.12 28.92
CA ASN B 227 9.04 8.48 28.54
C ASN B 227 9.68 7.80 29.74
N ALA B 228 9.14 7.97 30.95
CA ALA B 228 9.63 7.30 32.18
C ALA B 228 8.94 5.94 32.33
N GLY B 229 7.82 5.75 31.64
CA GLY B 229 7.04 4.51 31.72
C GLY B 229 7.34 3.54 30.59
N ASP B 230 6.37 2.66 30.31
CA ASP B 230 6.58 1.54 29.35
C ASP B 230 6.91 2.07 27.93
N LEU B 231 6.47 3.27 27.54
CA LEU B 231 6.71 3.77 26.15
C LEU B 231 8.15 4.22 25.94
N ASP B 232 8.94 4.22 27.02
CA ASP B 232 10.32 4.76 27.00
C ASP B 232 11.02 4.55 25.66
N SER B 233 11.42 5.60 24.94
CA SER B 233 11.89 5.48 23.54
C SER B 233 12.71 6.70 23.17
N TYR B 234 13.65 6.51 22.26
CA TYR B 234 14.42 7.61 21.68
C TYR B 234 13.48 8.60 20.99
N LEU B 235 12.52 8.13 20.22
CA LEU B 235 11.63 9.03 19.46
C LEU B 235 10.82 9.92 20.40
N ILE B 236 10.29 9.41 21.50
CA ILE B 236 9.53 10.26 22.45
C ILE B 236 10.51 11.29 23.07
N GLU B 237 11.73 10.87 23.41
CA GLU B 237 12.78 11.76 23.99
C GLU B 237 13.04 12.94 23.04
N ILE B 238 13.25 12.70 21.76
CA ILE B 238 13.58 13.82 20.84
C ILE B 238 12.31 14.60 20.52
N THR B 239 11.15 13.98 20.54
CA THR B 239 9.88 14.70 20.37
C THR B 239 9.76 15.81 21.42
N ALA B 240 10.03 15.53 22.70
CA ALA B 240 9.94 16.55 23.77
C ALA B 240 10.90 17.69 23.44
N GLU B 241 12.09 17.38 22.93
CA GLU B 241 13.10 18.43 22.63
C GLU B 241 12.56 19.29 21.48
N VAL B 242 11.93 18.67 20.47
CA VAL B 242 11.37 19.45 19.33
C VAL B 242 10.21 20.32 19.81
N LEU B 243 9.32 19.80 20.64
CA LEU B 243 8.14 20.53 21.12
C LEU B 243 8.53 21.69 22.05
N SER B 244 9.69 21.56 22.68
CA SER B 244 10.25 22.54 23.66
C SER B 244 10.92 23.72 22.94
N GLN B 245 11.34 23.50 21.71
CA GLN B 245 12.18 24.44 20.94
C GLN B 245 11.32 25.65 20.61
N VAL B 246 11.88 26.82 20.92
CA VAL B 246 11.29 28.13 20.56
C VAL B 246 12.04 28.67 19.35
N ASP B 247 11.29 29.20 18.39
CA ASP B 247 11.85 29.92 17.22
C ASP B 247 12.39 31.29 17.68
N ALA B 248 13.71 31.52 17.59
CA ALA B 248 14.36 32.74 18.09
C ALA B 248 13.82 33.96 17.33
N GLU B 249 13.49 33.81 16.05
CA GLU B 249 12.94 34.92 15.22
C GLU B 249 11.60 35.42 15.77
N THR B 250 10.62 34.55 16.06
CA THR B 250 9.22 34.95 16.32
C THR B 250 8.80 34.78 17.78
N GLY B 251 9.55 34.05 18.59
CA GLY B 251 9.09 33.60 19.93
C GLY B 251 8.02 32.50 19.87
N LYS B 252 7.58 32.07 18.70
CA LYS B 252 6.57 30.99 18.63
C LYS B 252 7.27 29.65 18.80
N PRO B 253 6.54 28.56 19.16
CA PRO B 253 7.10 27.22 19.11
C PRO B 253 7.65 26.99 17.71
N LEU B 254 8.81 26.35 17.57
CA LEU B 254 9.39 26.06 16.24
C LEU B 254 8.36 25.31 15.39
N ILE B 255 7.63 24.35 15.98
CA ILE B 255 6.71 23.47 15.20
C ILE B 255 5.69 24.36 14.47
N ASP B 256 5.33 25.51 15.04
CA ASP B 256 4.29 26.42 14.51
C ASP B 256 4.81 27.27 13.34
N VAL B 257 6.12 27.33 13.09
CA VAL B 257 6.64 28.06 11.88
C VAL B 257 7.09 27.05 10.83
N ILE B 258 7.08 25.77 11.16
CA ILE B 258 7.53 24.75 10.17
C ILE B 258 6.39 24.52 9.18
N VAL B 259 6.70 24.39 7.91
CA VAL B 259 5.71 23.98 6.87
C VAL B 259 5.30 22.52 7.16
N ASP B 260 4.01 22.31 7.37
CA ASP B 260 3.47 20.99 7.81
C ASP B 260 3.25 20.06 6.60
N ALA B 261 4.30 19.79 5.86
CA ALA B 261 4.29 18.93 4.66
C ALA B 261 5.50 18.04 4.83
N ALA B 262 5.27 16.73 5.01
CA ALA B 262 6.32 15.74 5.27
C ALA B 262 7.12 15.59 3.97
N GLY B 263 8.46 15.69 4.09
CA GLY B 263 9.44 15.38 3.04
C GLY B 263 9.00 14.18 2.21
N GLN B 264 8.60 14.41 0.95
CA GLN B 264 8.10 13.38 0.01
C GLN B 264 9.26 12.44 -0.40
N LYS B 265 10.47 12.71 0.09
CA LYS B 265 11.67 11.82 0.02
C LYS B 265 11.69 10.88 1.25
N GLY B 266 11.71 9.56 1.03
CA GLY B 266 11.47 8.55 2.07
C GLY B 266 11.04 7.20 1.49
N THR B 267 11.38 6.11 2.16
CA THR B 267 11.30 4.75 1.62
C THR B 267 10.22 3.94 2.37
N GLY B 268 9.44 4.57 3.25
CA GLY B 268 8.39 3.82 3.98
C GLY B 268 7.41 3.18 3.01
N ARG B 269 7.21 3.76 1.83
CA ARG B 269 6.30 3.16 0.83
C ARG B 269 6.77 1.75 0.44
N TRP B 270 8.07 1.47 0.36
CA TRP B 270 8.57 0.13 -0.07
C TRP B 270 7.99 -0.94 0.86
N THR B 271 7.94 -0.64 2.17
CA THR B 271 7.45 -1.58 3.21
C THR B 271 6.00 -1.98 2.91
N VAL B 272 5.19 -0.99 2.58
CA VAL B 272 3.75 -1.23 2.30
C VAL B 272 3.61 -1.97 0.97
N LYS B 273 4.42 -1.68 -0.04
CA LYS B 273 4.33 -2.40 -1.33
C LYS B 273 4.65 -3.86 -1.10
N ALA B 274 5.68 -4.17 -0.31
CA ALA B 274 6.05 -5.55 -0.01
C ALA B 274 4.92 -6.23 0.76
N ALA B 275 4.28 -5.54 1.72
CA ALA B 275 3.16 -6.11 2.49
C ALA B 275 1.97 -6.45 1.58
N LEU B 276 1.66 -5.57 0.63
CA LEU B 276 0.58 -5.77 -0.38
C LEU B 276 0.91 -7.06 -1.18
N ASP B 277 2.15 -7.20 -1.63
CA ASP B 277 2.59 -8.41 -2.37
C ASP B 277 2.52 -9.64 -1.48
N LEU B 278 2.81 -9.54 -0.18
CA LEU B 278 2.91 -10.75 0.66
C LEU B 278 1.54 -11.06 1.27
N GLY B 279 0.54 -10.24 1.05
CA GLY B 279 -0.78 -10.49 1.64
C GLY B 279 -0.86 -10.18 3.12
N ILE B 280 -0.12 -9.18 3.60
CA ILE B 280 -0.17 -8.76 5.03
C ILE B 280 -0.82 -7.38 5.20
N ALA B 281 -1.77 -7.29 6.14
CA ALA B 281 -2.52 -6.06 6.45
C ALA B 281 -1.67 -5.10 7.32
N THR B 282 -0.71 -4.35 6.74
CA THR B 282 0.05 -3.35 7.51
C THR B 282 -0.76 -2.06 7.51
N THR B 283 -1.88 -2.02 8.22
CA THR B 283 -2.75 -0.82 8.30
C THR B 283 -2.01 0.33 8.96
N GLY B 284 -1.18 0.03 9.95
CA GLY B 284 -0.48 1.07 10.73
C GLY B 284 0.61 1.75 9.92
N ILE B 285 1.54 0.99 9.36
CA ILE B 285 2.57 1.59 8.45
C ILE B 285 1.86 2.19 7.23
N GLY B 286 0.89 1.49 6.67
CA GLY B 286 0.13 1.99 5.51
C GLY B 286 -0.48 3.34 5.79
N GLU B 287 -1.24 3.49 6.88
CA GLU B 287 -1.88 4.81 7.16
C GLU B 287 -0.80 5.84 7.44
N ALA B 288 0.33 5.47 8.06
CA ALA B 288 1.41 6.44 8.36
C ALA B 288 1.97 7.00 7.04
N VAL B 289 2.18 6.14 6.05
CA VAL B 289 2.66 6.54 4.68
C VAL B 289 1.63 7.44 4.00
N PHE B 290 0.37 7.04 3.98
CA PHE B 290 -0.75 7.80 3.38
C PHE B 290 -0.87 9.15 4.09
N ALA B 291 -0.67 9.23 5.41
CA ALA B 291 -0.68 10.53 6.11
C ALA B 291 0.44 11.45 5.59
N ARG B 292 1.68 10.99 5.40
CA ARG B 292 2.77 11.81 4.80
C ARG B 292 2.33 12.31 3.43
N ALA B 293 1.82 11.42 2.58
CA ALA B 293 1.36 11.77 1.22
C ALA B 293 0.30 12.87 1.28
N LEU B 294 -0.73 12.73 2.12
CA LEU B 294 -1.81 13.73 2.20
C LEU B 294 -1.23 15.08 2.63
N SER B 295 -0.27 15.08 3.55
CA SER B 295 0.30 16.34 4.11
C SER B 295 0.92 17.17 3.00
N GLY B 296 1.45 16.52 1.97
CA GLY B 296 2.13 17.16 0.84
C GLY B 296 1.17 17.60 -0.25
N ALA B 297 -0.14 17.41 -0.12
CA ALA B 297 -1.11 17.76 -1.19
C ALA B 297 -1.48 19.22 -1.01
N THR B 298 -0.52 20.09 -1.27
CA THR B 298 -0.57 21.51 -0.87
C THR B 298 -1.80 22.18 -1.48
N SER B 299 -1.98 22.06 -2.78
CA SER B 299 -3.09 22.79 -3.45
C SER B 299 -4.43 22.19 -3.02
N GLN B 300 -4.52 20.87 -2.81
CA GLN B 300 -5.79 20.23 -2.36
C GLN B 300 -6.16 20.69 -0.96
N ARG B 301 -5.20 20.73 -0.02
CA ARG B 301 -5.44 21.19 1.35
C ARG B 301 -5.88 22.67 1.36
N ALA B 302 -5.23 23.51 0.58
CA ALA B 302 -5.57 24.95 0.45
C ALA B 302 -7.02 25.06 -0.01
N ALA B 303 -7.43 24.23 -0.96
CA ALA B 303 -8.77 24.33 -1.57
C ALA B 303 -9.78 23.78 -0.58
N ALA B 304 -9.37 22.81 0.24
CA ALA B 304 -10.30 22.17 1.20
C ALA B 304 -10.54 23.05 2.44
N GLN B 305 -9.56 23.87 2.85
CA GLN B 305 -9.60 24.56 4.19
C GLN B 305 -10.89 25.38 4.33
N GLY B 306 -11.67 25.12 5.38
CA GLY B 306 -12.90 25.84 5.74
C GLY B 306 -14.05 25.59 4.79
N ASN B 307 -13.94 24.62 3.88
CA ASN B 307 -14.93 24.42 2.80
C ASN B 307 -15.62 23.07 2.95
N LEU B 308 -15.18 22.19 3.85
CA LEU B 308 -15.88 20.89 4.02
C LEU B 308 -16.72 20.97 5.29
N PRO B 309 -17.99 20.54 5.28
CA PRO B 309 -18.81 20.63 6.49
C PRO B 309 -18.24 19.78 7.62
N ALA B 310 -18.10 20.37 8.80
CA ALA B 310 -17.53 19.73 10.01
C ALA B 310 -18.59 18.81 10.65
N GLY B 311 -19.88 19.13 10.46
CA GLY B 311 -20.95 18.63 11.33
C GLY B 311 -20.91 19.24 12.73
N VAL B 312 -21.86 18.89 13.58
CA VAL B 312 -21.93 19.39 14.99
C VAL B 312 -20.78 18.75 15.76
N LEU B 313 -19.84 19.56 16.27
CA LEU B 313 -18.70 19.11 17.07
C LEU B 313 -18.94 19.48 18.53
N THR B 314 -18.28 18.80 19.44
CA THR B 314 -18.37 19.08 20.89
C THR B 314 -16.95 19.32 21.38
N ASP B 315 -16.74 19.30 22.68
CA ASP B 315 -15.39 19.52 23.26
C ASP B 315 -15.32 18.78 24.58
N LEU B 316 -14.12 18.58 25.11
CA LEU B 316 -13.96 17.79 26.37
C LEU B 316 -14.85 18.40 27.48
N GLU B 317 -14.91 19.74 27.59
CA GLU B 317 -15.67 20.39 28.69
C GLU B 317 -17.13 19.98 28.58
N ALA B 318 -17.72 20.11 27.37
CA ALA B 318 -19.15 19.79 27.13
C ALA B 318 -19.37 18.30 27.35
N LEU B 319 -18.39 17.43 27.10
CA LEU B 319 -18.53 15.97 27.32
C LEU B 319 -18.34 15.63 28.81
N GLY B 320 -17.84 16.55 29.64
CA GLY B 320 -17.54 16.23 31.05
C GLY B 320 -16.28 15.40 31.22
N VAL B 321 -15.33 15.51 30.29
CA VAL B 321 -14.07 14.72 30.31
C VAL B 321 -13.03 15.51 31.10
N ASP B 322 -12.46 14.83 32.08
CA ASP B 322 -11.31 15.34 32.89
C ASP B 322 -10.05 15.31 32.01
N LYS B 323 -9.27 16.38 32.02
CA LYS B 323 -8.07 16.55 31.17
C LYS B 323 -7.04 15.46 31.54
N ALA B 324 -6.82 15.20 32.83
CA ALA B 324 -5.78 14.21 33.22
C ALA B 324 -6.20 12.83 32.72
N GLN B 325 -7.47 12.44 32.85
CA GLN B 325 -7.93 11.10 32.41
C GLN B 325 -7.76 11.00 30.88
N PHE B 326 -8.10 12.05 30.15
CA PHE B 326 -7.98 12.09 28.67
C PHE B 326 -6.53 11.93 28.27
N VAL B 327 -5.63 12.68 28.88
CA VAL B 327 -4.19 12.59 28.55
C VAL B 327 -3.73 11.12 28.70
N GLU B 328 -4.12 10.44 29.79
CA GLU B 328 -3.69 9.03 30.04
C GLU B 328 -4.33 8.12 28.97
N ASP B 329 -5.58 8.41 28.58
CA ASP B 329 -6.30 7.59 27.57
C ASP B 329 -5.54 7.71 26.24
N VAL B 330 -5.10 8.91 25.89
CA VAL B 330 -4.26 9.13 24.69
C VAL B 330 -2.97 8.30 24.78
N ARG B 331 -2.32 8.29 25.96
CA ARG B 331 -1.10 7.47 26.15
C ARG B 331 -1.38 6.01 25.84
N ARG B 332 -2.52 5.49 26.31
CA ARG B 332 -2.87 4.09 26.13
C ARG B 332 -3.26 3.83 24.67
N ALA B 333 -3.93 4.78 23.98
CA ALA B 333 -4.24 4.64 22.53
C ALA B 333 -2.93 4.58 21.74
N LEU B 334 -1.96 5.39 22.16
CA LEU B 334 -0.65 5.50 21.49
C LEU B 334 0.02 4.14 21.64
N TYR B 335 0.07 3.61 22.86
CA TYR B 335 0.71 2.28 23.09
C TYR B 335 -0.01 1.18 22.31
N ALA B 336 -1.34 1.11 22.36
CA ALA B 336 -2.09 0.07 21.64
C ALA B 336 -1.79 0.15 20.13
N SER B 337 -1.81 1.36 19.58
CA SER B 337 -1.62 1.58 18.12
C SER B 337 -0.19 1.25 17.71
N LYS B 338 0.80 1.64 18.50
CA LYS B 338 2.22 1.21 18.36
C LYS B 338 2.30 -0.33 18.32
N LEU B 339 1.62 -0.98 19.24
CA LEU B 339 1.65 -2.46 19.34
C LEU B 339 1.01 -3.10 18.10
N VAL B 340 -0.10 -2.53 17.59
CA VAL B 340 -0.72 -3.08 16.36
C VAL B 340 0.28 -2.91 15.20
N ALA B 341 0.88 -1.74 15.06
CA ALA B 341 1.78 -1.45 13.92
C ALA B 341 2.94 -2.43 13.95
N TYR B 342 3.54 -2.67 15.13
CA TYR B 342 4.65 -3.65 15.26
C TYR B 342 4.19 -5.08 15.00
N ALA B 343 3.01 -5.48 15.50
CA ALA B 343 2.48 -6.84 15.27
C ALA B 343 2.40 -7.06 13.75
N GLN B 344 1.91 -6.04 13.02
CA GLN B 344 1.74 -6.11 11.56
C GLN B 344 3.12 -6.18 10.91
N GLY B 345 4.05 -5.33 11.35
CA GLY B 345 5.41 -5.35 10.80
C GLY B 345 6.10 -6.71 11.01
N PHE B 346 5.91 -7.35 12.16
CA PHE B 346 6.54 -8.69 12.44
C PHE B 346 5.79 -9.78 11.67
N ASP B 347 4.50 -9.57 11.39
CA ASP B 347 3.77 -10.45 10.44
C ASP B 347 4.42 -10.34 9.06
N GLU B 348 4.77 -9.12 8.62
CA GLU B 348 5.39 -8.91 7.30
C GLU B 348 6.75 -9.62 7.28
N ILE B 349 7.51 -9.52 8.36
CA ILE B 349 8.83 -10.21 8.45
C ILE B 349 8.64 -11.73 8.31
N LYS B 350 7.69 -12.34 9.03
CA LYS B 350 7.45 -13.80 8.94
C LYS B 350 7.02 -14.17 7.50
N ALA B 351 6.11 -13.41 6.90
CA ALA B 351 5.62 -13.68 5.53
C ALA B 351 6.80 -13.59 4.54
N GLY B 352 7.60 -12.52 4.60
CA GLY B 352 8.77 -12.38 3.72
C GLY B 352 9.75 -13.54 3.90
N SER B 353 10.06 -13.92 5.14
CA SER B 353 10.97 -15.04 5.48
C SER B 353 10.43 -16.33 4.87
N ASP B 354 9.13 -16.60 5.04
CA ASP B 354 8.48 -17.84 4.53
C ASP B 354 8.60 -17.82 3.01
N GLU B 355 8.23 -16.72 2.37
CA GLU B 355 8.21 -16.60 0.89
C GLU B 355 9.63 -16.87 0.33
N ASN B 356 10.67 -16.44 1.04
CA ASN B 356 12.06 -16.41 0.53
C ASN B 356 12.91 -17.53 1.14
N ASN B 357 12.31 -18.38 1.96
CA ASN B 357 12.98 -19.45 2.76
C ASN B 357 14.19 -18.91 3.55
N TRP B 358 14.02 -17.86 4.36
CA TRP B 358 15.15 -17.21 5.06
C TRP B 358 15.31 -17.72 6.49
N ASP B 359 14.28 -18.31 7.11
CA ASP B 359 14.29 -18.66 8.57
C ASP B 359 14.70 -17.47 9.45
N VAL B 360 14.19 -16.29 9.18
CA VAL B 360 14.50 -15.10 10.01
C VAL B 360 14.04 -15.37 11.44
N ASP B 361 14.91 -15.04 12.39
CA ASP B 361 14.60 -15.17 13.84
C ASP B 361 14.20 -13.78 14.33
N PRO B 362 12.91 -13.56 14.57
CA PRO B 362 12.44 -12.20 14.96
C PRO B 362 13.09 -11.67 16.25
N ARG B 363 13.53 -12.58 17.13
CA ARG B 363 14.24 -12.17 18.35
C ARG B 363 15.53 -11.42 18.01
N ASP B 364 16.19 -11.79 16.92
CA ASP B 364 17.44 -11.12 16.49
C ASP B 364 17.11 -9.68 16.14
N LEU B 365 15.99 -9.45 15.43
CA LEU B 365 15.61 -8.09 14.99
C LEU B 365 15.32 -7.21 16.20
N ALA B 366 14.46 -7.66 17.10
CA ALA B 366 14.05 -6.86 18.26
C ALA B 366 15.27 -6.62 19.14
N THR B 367 16.21 -7.57 19.16
CA THR B 367 17.46 -7.41 19.95
C THR B 367 18.32 -6.29 19.33
N ILE B 368 18.59 -6.36 18.03
CA ILE B 368 19.57 -5.43 17.41
C ILE B 368 18.95 -4.07 17.13
N TRP B 369 17.62 -3.93 17.15
CA TRP B 369 16.96 -2.61 16.96
C TRP B 369 16.95 -1.80 18.25
N ARG B 370 17.53 -2.30 19.36
CA ARG B 370 17.59 -1.55 20.65
C ARG B 370 18.69 -0.48 20.64
N GLY B 371 19.59 -0.49 19.66
CA GLY B 371 20.66 0.52 19.61
C GLY B 371 20.86 1.03 18.21
N GLY B 372 21.27 2.29 18.03
CA GLY B 372 21.73 2.83 16.73
C GLY B 372 20.61 3.01 15.69
N CYS B 373 19.34 2.81 16.08
CA CYS B 373 18.08 2.84 15.27
C CYS B 373 17.31 4.05 15.80
N ILE B 374 16.50 4.74 15.01
CA ILE B 374 15.56 5.77 15.50
C ILE B 374 14.46 5.10 16.34
N ILE B 375 14.05 3.85 16.03
CA ILE B 375 12.92 3.15 16.72
C ILE B 375 13.32 2.54 18.07
N ARG B 376 14.57 2.64 18.48
CA ARG B 376 15.09 1.98 19.72
C ARG B 376 14.23 2.34 20.93
N ALA B 377 13.86 1.35 21.73
CA ALA B 377 12.96 1.51 22.88
C ALA B 377 13.02 0.24 23.69
N LYS B 378 12.75 0.30 24.99
CA LYS B 378 12.77 -0.92 25.82
C LYS B 378 11.58 -1.81 25.49
N PHE B 379 10.53 -1.28 24.86
CA PHE B 379 9.43 -2.09 24.26
C PHE B 379 9.99 -3.27 23.45
N LEU B 380 11.09 -3.06 22.70
CA LEU B 380 11.62 -4.16 21.83
C LEU B 380 11.95 -5.42 22.65
N ASN B 381 12.37 -5.29 23.91
CA ASN B 381 12.72 -6.45 24.75
C ASN B 381 11.48 -7.33 24.89
N ARG B 382 10.28 -6.76 24.87
CA ARG B 382 9.02 -7.55 25.02
C ARG B 382 8.81 -8.39 23.77
N ILE B 383 9.23 -7.90 22.60
CA ILE B 383 9.16 -8.68 21.33
C ILE B 383 10.14 -9.88 21.43
N VAL B 384 11.36 -9.65 21.90
CA VAL B 384 12.36 -10.74 22.04
C VAL B 384 11.68 -11.80 22.93
N GLU B 385 11.17 -11.36 24.05
CA GLU B 385 10.63 -12.28 25.09
C GLU B 385 9.42 -13.02 24.58
N ALA B 386 8.61 -12.36 23.74
CA ALA B 386 7.38 -12.97 23.23
C ALA B 386 7.77 -14.19 22.39
N TYR B 387 8.70 -14.00 21.49
CA TYR B 387 9.13 -15.05 20.54
C TYR B 387 10.02 -16.09 21.25
N ASP B 388 10.73 -15.67 22.29
CA ASP B 388 11.46 -16.61 23.17
C ASP B 388 10.47 -17.59 23.80
N ALA B 389 9.33 -17.10 24.26
CA ALA B 389 8.25 -17.90 24.90
C ALA B 389 7.58 -18.79 23.85
N ASN B 390 7.49 -18.35 22.61
CA ASN B 390 6.70 -19.08 21.58
C ASN B 390 7.23 -18.68 20.22
N ALA B 391 8.15 -19.48 19.68
CA ALA B 391 8.81 -19.19 18.39
C ALA B 391 7.76 -19.11 17.28
N GLU B 392 6.61 -19.76 17.44
CA GLU B 392 5.58 -19.81 16.37
C GLU B 392 4.38 -18.92 16.75
N LEU B 393 4.58 -17.93 17.62
CA LEU B 393 3.50 -16.99 18.02
C LEU B 393 2.82 -16.39 16.79
N GLU B 394 1.51 -16.44 16.73
CA GLU B 394 0.76 -16.07 15.50
C GLU B 394 0.62 -14.56 15.35
N SER B 395 0.66 -13.81 16.44
CA SER B 395 0.60 -12.34 16.44
C SER B 395 1.22 -11.85 17.74
N LEU B 396 2.00 -10.79 17.69
CA LEU B 396 2.45 -10.14 18.93
C LEU B 396 1.28 -9.82 19.86
N LEU B 397 0.07 -9.54 19.35
CA LEU B 397 -1.07 -9.18 20.22
C LEU B 397 -1.43 -10.35 21.15
N LEU B 398 -1.03 -11.56 20.80
CA LEU B 398 -1.42 -12.77 21.57
C LEU B 398 -0.34 -13.18 22.58
N ASP B 399 0.83 -12.54 22.58
CA ASP B 399 1.85 -12.76 23.64
C ASP B 399 1.18 -12.52 24.99
N PRO B 400 1.37 -13.42 25.98
CA PRO B 400 0.70 -13.25 27.28
C PRO B 400 0.95 -11.87 27.91
N TYR B 401 2.17 -11.34 27.83
CA TYR B 401 2.46 -9.98 28.37
C TYR B 401 1.66 -8.90 27.62
N PHE B 402 1.78 -8.87 26.30
CA PHE B 402 1.06 -7.86 25.49
C PHE B 402 -0.46 -7.99 25.62
N LYS B 403 -0.96 -9.21 25.59
CA LYS B 403 -2.42 -9.43 25.72
C LYS B 403 -2.90 -8.90 27.06
N SER B 404 -2.13 -9.12 28.11
CA SER B 404 -2.49 -8.61 29.43
C SER B 404 -2.40 -7.09 29.39
N GLU B 405 -1.42 -6.51 28.69
CA GLU B 405 -1.39 -5.04 28.57
C GLU B 405 -2.64 -4.52 27.81
N LEU B 406 -3.10 -5.23 26.79
CA LEU B 406 -4.23 -4.76 25.95
C LEU B 406 -5.48 -4.71 26.82
N GLY B 407 -5.60 -5.64 27.77
CA GLY B 407 -6.69 -5.60 28.77
C GLY B 407 -6.81 -4.27 29.45
N ASP B 408 -5.70 -3.58 29.71
CA ASP B 408 -5.69 -2.28 30.43
C ASP B 408 -5.77 -1.15 29.41
N LEU B 409 -5.48 -1.40 28.15
CA LEU B 409 -5.46 -0.26 27.17
C LEU B 409 -6.83 -0.09 26.50
N ILE B 410 -7.58 -1.16 26.31
CA ILE B 410 -8.69 -1.18 25.31
C ILE B 410 -9.81 -0.19 25.67
N ASP B 411 -10.18 -0.03 26.94
CA ASP B 411 -11.23 0.97 27.29
C ASP B 411 -10.77 2.39 26.89
N SER B 412 -9.55 2.81 27.24
CA SER B 412 -8.96 4.12 26.86
C SER B 412 -8.97 4.29 25.34
N TRP B 413 -8.54 3.25 24.64
CA TRP B 413 -8.37 3.27 23.15
C TRP B 413 -9.73 3.58 22.51
N ARG B 414 -10.79 2.90 22.96
CA ARG B 414 -12.15 3.16 22.41
C ARG B 414 -12.55 4.60 22.73
N ARG B 415 -12.25 5.06 23.96
CA ARG B 415 -12.69 6.40 24.36
C ARG B 415 -11.97 7.42 23.48
N VAL B 416 -10.72 7.18 23.15
CA VAL B 416 -9.98 8.14 22.27
C VAL B 416 -10.60 8.18 20.86
N ILE B 417 -10.92 7.03 20.27
CA ILE B 417 -11.54 7.04 18.91
C ILE B 417 -12.86 7.80 18.98
N VAL B 418 -13.71 7.52 19.99
CA VAL B 418 -15.02 8.20 20.12
C VAL B 418 -14.80 9.71 20.23
N THR B 419 -13.98 10.09 21.21
CA THR B 419 -13.72 11.50 21.53
C THR B 419 -13.13 12.23 20.31
N ALA B 420 -12.09 11.72 19.66
CA ALA B 420 -11.47 12.39 18.49
C ALA B 420 -12.56 12.62 17.43
N THR B 421 -13.35 11.59 17.14
CA THR B 421 -14.47 11.64 16.16
C THR B 421 -15.44 12.80 16.53
N GLN B 422 -15.86 12.87 17.79
CA GLN B 422 -16.86 13.88 18.26
C GLN B 422 -16.26 15.28 18.18
N LEU B 423 -14.94 15.42 18.19
CA LEU B 423 -14.28 16.74 18.11
C LEU B 423 -13.80 17.03 16.69
N GLY B 424 -13.97 16.11 15.75
CA GLY B 424 -13.59 16.32 14.34
C GLY B 424 -12.09 16.30 14.11
N LEU B 425 -11.37 15.51 14.91
CA LEU B 425 -9.90 15.49 14.89
C LEU B 425 -9.44 14.20 14.22
N PRO B 426 -8.49 14.31 13.26
CA PRO B 426 -8.03 13.11 12.57
C PRO B 426 -7.07 12.26 13.41
N ILE B 427 -7.25 10.94 13.33
CA ILE B 427 -6.47 9.93 14.09
C ILE B 427 -6.38 8.66 13.24
N PRO B 428 -5.76 8.74 12.03
CA PRO B 428 -5.80 7.63 11.08
C PRO B 428 -5.19 6.32 11.61
N VAL B 429 -4.02 6.37 12.24
CA VAL B 429 -3.41 5.10 12.73
C VAL B 429 -4.14 4.64 13.99
N PHE B 430 -4.54 5.54 14.87
CA PHE B 430 -5.28 5.12 16.09
C PHE B 430 -6.57 4.41 15.68
N ALA B 431 -7.35 5.02 14.78
CA ALA B 431 -8.66 4.49 14.36
C ALA B 431 -8.49 3.19 13.56
N SER B 432 -7.62 3.22 12.57
CA SER B 432 -7.37 2.02 11.72
C SER B 432 -6.85 0.88 12.56
N SER B 433 -6.06 1.13 13.58
CA SER B 433 -5.52 0.05 14.43
C SER B 433 -6.65 -0.60 15.21
N LEU B 434 -7.61 0.19 15.65
CA LEU B 434 -8.73 -0.40 16.41
C LEU B 434 -9.66 -1.20 15.50
N SER B 435 -9.98 -0.74 14.28
CA SER B 435 -10.75 -1.56 13.32
C SER B 435 -10.00 -2.85 13.03
N TYR B 436 -8.68 -2.82 12.89
CA TYR B 436 -7.90 -4.06 12.63
C TYR B 436 -8.04 -5.02 13.82
N TYR B 437 -7.87 -4.47 15.02
CA TYR B 437 -8.02 -5.24 16.29
C TYR B 437 -9.40 -5.90 16.39
N ASP B 438 -10.45 -5.09 16.09
CA ASP B 438 -11.84 -5.57 16.19
C ASP B 438 -12.08 -6.55 15.05
N SER B 439 -11.32 -6.49 13.96
CA SER B 439 -11.41 -7.50 12.87
C SER B 439 -10.80 -8.82 13.29
N LEU B 440 -9.65 -8.83 13.97
CA LEU B 440 -9.04 -10.09 14.49
C LEU B 440 -9.92 -10.74 15.55
N ARG B 441 -10.63 -9.95 16.34
CA ARG B 441 -11.56 -10.43 17.41
C ARG B 441 -12.76 -11.17 16.76
N ALA B 442 -13.17 -10.75 15.57
CA ALA B 442 -14.50 -11.07 14.99
C ALA B 442 -14.57 -12.55 14.67
N GLU B 443 -15.67 -13.22 15.01
CA GLU B 443 -15.89 -14.61 14.55
C GLU B 443 -16.06 -14.61 13.03
N ARG B 444 -16.86 -13.70 12.47
CA ARG B 444 -17.24 -13.70 11.05
C ARG B 444 -17.01 -12.30 10.47
N LEU B 445 -16.34 -12.22 9.34
CA LEU B 445 -16.03 -10.93 8.70
C LEU B 445 -16.86 -10.82 7.44
N PRO B 446 -17.08 -9.60 6.93
CA PRO B 446 -17.86 -9.38 5.70
C PRO B 446 -17.17 -9.89 4.42
N ALA B 447 -15.94 -10.39 4.52
CA ALA B 447 -15.31 -11.18 3.44
C ALA B 447 -16.26 -12.29 2.98
N ALA B 448 -17.11 -12.85 3.85
CA ALA B 448 -18.07 -13.87 3.37
C ALA B 448 -18.99 -13.25 2.30
N LEU B 449 -19.41 -12.01 2.53
CA LEU B 449 -20.32 -11.29 1.59
C LEU B 449 -19.58 -11.01 0.30
N ILE B 450 -18.35 -10.55 0.41
CA ILE B 450 -17.46 -10.33 -0.75
C ILE B 450 -17.35 -11.62 -1.58
N GLN B 451 -17.12 -12.77 -0.94
CA GLN B 451 -17.07 -14.06 -1.67
C GLN B 451 -18.42 -14.30 -2.40
N GLY B 452 -19.56 -14.06 -1.74
CA GLY B 452 -20.89 -14.21 -2.37
C GLY B 452 -21.11 -13.26 -3.55
N GLN B 453 -20.75 -11.99 -3.40
CA GLN B 453 -20.84 -10.96 -4.47
C GLN B 453 -20.01 -11.46 -5.66
N ARG B 454 -18.77 -11.91 -5.44
CA ARG B 454 -17.87 -12.32 -6.53
C ARG B 454 -18.45 -13.57 -7.22
N ASP B 455 -19.08 -14.49 -6.47
CA ASP B 455 -19.68 -15.70 -7.05
C ASP B 455 -20.88 -15.26 -7.91
N PHE B 456 -21.63 -14.25 -7.49
CA PHE B 456 -22.80 -13.74 -8.25
C PHE B 456 -22.33 -13.14 -9.59
N PHE B 457 -21.36 -12.23 -9.59
CA PHE B 457 -21.07 -11.40 -10.78
C PHE B 457 -20.10 -12.15 -11.68
N GLY B 458 -19.30 -13.05 -11.13
CA GLY B 458 -18.15 -13.58 -11.89
C GLY B 458 -18.04 -15.08 -11.81
N ALA B 459 -18.96 -15.76 -11.13
CA ALA B 459 -18.93 -17.21 -10.84
C ALA B 459 -17.56 -17.58 -10.26
N HIS B 460 -16.97 -16.75 -9.39
CA HIS B 460 -15.59 -16.95 -8.88
C HIS B 460 -15.55 -18.10 -7.85
N THR B 461 -16.68 -18.63 -7.40
CA THR B 461 -16.77 -19.79 -6.44
C THR B 461 -16.37 -19.38 -5.03
N TYR B 462 -16.83 -20.15 -4.05
CA TYR B 462 -16.52 -19.94 -2.62
C TYR B 462 -16.20 -21.28 -1.98
N LYS B 463 -15.59 -21.23 -0.79
CA LYS B 463 -15.41 -22.42 0.03
C LYS B 463 -16.53 -22.41 1.06
N ARG B 464 -16.74 -23.55 1.70
CA ARG B 464 -17.81 -23.74 2.69
C ARG B 464 -17.15 -24.09 4.03
N ILE B 465 -17.81 -23.73 5.14
CA ILE B 465 -17.25 -23.97 6.50
C ILE B 465 -17.37 -25.47 6.83
N ASP B 466 -18.18 -26.24 6.10
CA ASP B 466 -18.61 -27.60 6.54
C ASP B 466 -18.13 -28.68 5.57
N LYS B 467 -17.47 -28.27 4.49
CA LYS B 467 -17.07 -29.17 3.38
C LYS B 467 -15.87 -28.58 2.68
N ASP B 468 -14.87 -29.40 2.40
CA ASP B 468 -13.71 -28.98 1.58
C ASP B 468 -14.15 -28.88 0.12
N GLY B 469 -13.42 -28.08 -0.67
CA GLY B 469 -13.65 -27.87 -2.11
C GLY B 469 -14.21 -26.49 -2.39
N SER B 470 -14.48 -26.21 -3.66
CA SER B 470 -15.04 -24.95 -4.18
C SER B 470 -16.47 -25.18 -4.66
N PHE B 471 -17.34 -24.21 -4.43
CA PHE B 471 -18.78 -24.32 -4.75
C PHE B 471 -19.23 -23.06 -5.48
N HIS B 472 -20.31 -23.21 -6.22
CA HIS B 472 -20.94 -22.17 -7.08
C HIS B 472 -22.46 -22.25 -6.92
N THR B 473 -23.08 -21.11 -6.69
CA THR B 473 -24.55 -21.00 -6.78
C THR B 473 -24.92 -20.54 -8.19
N GLU B 474 -25.92 -21.20 -8.77
CA GLU B 474 -26.36 -21.01 -10.18
C GLU B 474 -27.25 -19.77 -10.21
N TRP B 475 -26.62 -18.61 -10.00
CA TRP B 475 -27.34 -17.34 -9.73
C TRP B 475 -28.31 -17.01 -10.89
N SER B 476 -27.84 -17.17 -12.12
CA SER B 476 -28.64 -16.79 -13.31
C SER B 476 -29.74 -17.84 -13.55
N GLY B 477 -29.71 -18.98 -12.85
CA GLY B 477 -30.60 -20.13 -13.06
C GLY B 477 -31.45 -20.44 -11.84
N ASP B 478 -31.47 -21.69 -11.38
CA ASP B 478 -32.39 -22.14 -10.30
C ASP B 478 -31.80 -21.82 -8.92
N ARG B 479 -30.57 -21.30 -8.85
CA ARG B 479 -29.82 -20.92 -7.61
C ARG B 479 -29.64 -22.14 -6.69
N SER B 480 -29.47 -23.33 -7.28
CA SER B 480 -28.96 -24.53 -6.58
C SER B 480 -27.45 -24.36 -6.41
N GLU B 481 -26.83 -25.10 -5.50
CA GLU B 481 -25.36 -25.09 -5.37
C GLU B 481 -24.76 -26.30 -6.09
N VAL B 482 -23.70 -26.10 -6.85
CA VAL B 482 -22.94 -27.18 -7.53
C VAL B 482 -21.48 -27.11 -7.09
N GLU B 483 -20.75 -28.23 -7.23
CA GLU B 483 -19.27 -28.22 -7.03
C GLU B 483 -18.60 -27.53 -8.22
N ALA B 484 -17.49 -26.83 -8.02
CA ALA B 484 -16.78 -26.11 -9.09
C ALA B 484 -15.60 -26.95 -9.61
PA NAP C . -4.29 -19.84 -19.06
O1A NAP C . -5.18 -21.03 -19.25
O2A NAP C . -3.03 -20.01 -18.29
O5B NAP C . -3.93 -19.19 -20.49
C5B NAP C . -4.89 -18.30 -21.09
C4B NAP C . -4.62 -18.20 -22.56
O4B NAP C . -3.25 -17.79 -22.75
C3B NAP C . -4.81 -19.51 -23.36
O3B NAP C . -5.44 -19.17 -24.59
C2B NAP C . -3.36 -19.97 -23.58
O2B NAP C . -3.21 -20.65 -24.82
C1B NAP C . -2.68 -18.61 -23.75
N9A NAP C . -1.25 -18.63 -23.58
C8A NAP C . -0.53 -18.86 -22.44
N7A NAP C . 0.78 -18.77 -22.62
C5A NAP C . 0.92 -18.50 -23.97
C6A NAP C . 2.05 -18.32 -24.81
N6A NAP C . 3.30 -18.36 -24.38
N1A NAP C . 1.82 -18.07 -26.11
C2A NAP C . 0.56 -18.00 -26.55
N3A NAP C . -0.58 -18.16 -25.87
C4A NAP C . -0.33 -18.40 -24.57
O3 NAP C . -5.18 -18.66 -18.41
PN NAP C . -4.97 -17.14 -17.94
O1N NAP C . -3.50 -16.92 -17.76
O2N NAP C . -5.89 -16.86 -16.79
O5D NAP C . -5.49 -16.27 -19.18
C5D NAP C . -5.55 -14.84 -18.96
C4D NAP C . -6.41 -14.18 -20.02
O4D NAP C . -7.79 -14.31 -19.65
C3D NAP C . -6.20 -12.67 -20.17
O3D NAP C . -6.64 -12.23 -21.45
C2D NAP C . -7.04 -12.14 -19.01
O2D NAP C . -7.48 -10.81 -19.16
C1D NAP C . -8.25 -13.07 -19.05
N1N NAP C . -8.84 -13.31 -17.68
C2N NAP C . -9.03 -14.61 -17.21
C3N NAP C . -9.67 -14.83 -16.00
C7N NAP C . -9.62 -16.21 -15.39
O7N NAP C . -8.66 -16.95 -15.67
N7N NAP C . -10.60 -16.56 -14.58
C4N NAP C . -10.34 -13.76 -15.39
C5N NAP C . -9.93 -12.48 -15.71
C6N NAP C . -9.24 -12.27 -16.89
P2B NAP C . -3.29 -22.27 -24.79
O1X NAP C . -2.64 -22.67 -23.52
O2X NAP C . -4.72 -22.67 -24.87
O3X NAP C . -2.48 -22.63 -26.06
C TRS D . 26.28 28.65 14.23
C1 TRS D . 24.76 28.47 14.30
C2 TRS D . 26.99 27.50 14.93
C3 TRS D . 26.73 28.77 12.78
N TRS D . 26.64 29.92 14.94
O1 TRS D . 24.07 29.70 14.30
O2 TRS D . 28.39 27.72 15.03
O3 TRS D . 27.96 29.44 12.69
C TRS E . -32.48 1.25 -10.47
C1 TRS E . -32.91 2.46 -9.66
C2 TRS E . -33.51 0.85 -11.53
C3 TRS E . -31.12 1.51 -11.12
N TRS E . -32.27 0.10 -9.49
O1 TRS E . -34.25 2.51 -9.18
O2 TRS E . -34.80 0.88 -10.97
O3 TRS E . -31.12 1.26 -12.49
C TRS F . -41.38 24.53 3.62
C1 TRS F . -42.03 23.44 4.45
C2 TRS F . -39.87 24.40 3.64
C3 TRS F . -41.93 24.52 2.20
N TRS F . -41.75 25.86 4.24
O1 TRS F . -43.29 23.04 3.93
O2 TRS F . -39.43 23.97 4.92
O3 TRS F . -41.01 25.06 1.27
MG MG G . -24.06 -5.69 -27.11
MG MG H . -30.46 12.89 -2.53
PA NAP I . 26.57 10.86 -4.24
O1A NAP I . 27.58 11.77 -3.59
O2A NAP I . 25.99 11.25 -5.55
O5B NAP I . 27.20 9.38 -4.35
C5B NAP I . 27.80 8.73 -3.19
C4B NAP I . 28.99 7.92 -3.64
O4B NAP I . 28.66 7.14 -4.83
C3B NAP I . 30.25 8.72 -4.02
O3B NAP I . 31.39 8.18 -3.37
C2B NAP I . 30.36 8.49 -5.53
O2B NAP I . 31.70 8.52 -5.97
C1B NAP I . 29.82 7.07 -5.61
N9A NAP I . 29.51 6.61 -6.97
C8A NAP I . 28.42 7.00 -7.70
N7A NAP I . 28.36 6.44 -8.89
C5A NAP I . 29.49 5.63 -8.94
C6A NAP I . 29.97 4.78 -9.95
N6A NAP I . 29.33 4.60 -11.11
N1A NAP I . 31.13 4.10 -9.71
C2A NAP I . 31.75 4.31 -8.53
N3A NAP I . 31.37 5.08 -7.50
C4A NAP I . 30.21 5.73 -7.77
O3 NAP I . 25.37 10.60 -3.22
PN NAP I . 24.05 9.68 -3.30
O1N NAP I . 23.00 10.29 -2.43
O2N NAP I . 23.72 9.45 -4.74
O5D NAP I . 24.59 8.32 -2.63
C5D NAP I . 23.75 7.51 -1.76
C4D NAP I . 24.46 7.29 -0.44
O4D NAP I . 23.64 7.84 0.62
C3D NAP I . 24.75 5.83 -0.05
O3D NAP I . 26.14 5.65 0.17
C2D NAP I . 23.91 5.62 1.22
O2D NAP I . 24.56 4.72 2.10
C1D NAP I . 23.78 7.04 1.79
N1N NAP I . 22.60 7.27 2.70
C2N NAP I . 21.99 8.52 2.74
C3N NAP I . 21.40 8.92 3.93
C7N NAP I . 21.29 10.42 4.19
O7N NAP I . 20.19 10.91 4.43
N7N NAP I . 22.40 11.13 4.11
C4N NAP I . 20.96 7.96 4.83
C5N NAP I . 21.31 6.64 4.63
C6N NAP I . 22.15 6.32 3.57
P2B NAP I . 32.20 10.03 -6.36
O1X NAP I . 33.31 9.57 -7.33
O2X NAP I . 32.75 10.75 -5.10
O3X NAP I . 31.08 10.83 -7.04
C TRS J . -18.41 -10.33 15.33
C1 TRS J . -17.69 -11.28 16.30
C2 TRS J . -19.13 -11.05 14.19
C3 TRS J . -17.39 -9.35 14.72
N TRS J . -19.41 -9.54 16.12
O1 TRS J . -18.50 -11.69 17.38
O2 TRS J . -18.91 -12.46 14.11
O3 TRS J . -17.73 -7.98 14.82
C TRS K . 7.89 -13.27 30.88
C1 TRS K . 7.05 -14.53 31.13
C2 TRS K . 8.34 -12.64 32.19
C3 TRS K . 9.11 -13.58 29.99
N TRS K . 7.04 -12.24 30.17
O1 TRS K . 6.99 -15.36 29.96
O2 TRS K . 9.10 -13.53 32.98
O3 TRS K . 10.18 -12.62 30.04
MG MG L . 10.53 -19.34 11.80
MG MG M . 31.34 2.25 19.09
MG MG N . 3.15 -1.33 32.63
MG MG O . 46.72 15.26 16.17
MG MG P . 40.18 24.82 12.56
#